data_1X29
#
_entry.id   1X29
#
_cell.length_a   143.210
_cell.length_b   143.210
_cell.length_c   81.390
_cell.angle_alpha   90.00
_cell.angle_beta   90.00
_cell.angle_gamma   120.00
#
_symmetry.space_group_name_H-M   'P 63'
#
loop_
_entity.id
_entity.type
_entity.pdbx_description
1 polymer 'Aspartate aminotransferase'
2 non-polymer 'N-({3-HYDROXY-2-METHYL-5-[(PHOSPHONOOXY)METHYL]PYRIDIN-4-YL}METHYL)-2-METHYL-L-GLUTAMIC ACID'
3 water water
#
_entity_poly.entity_id   1
_entity_poly.type   'polypeptide(L)'
_entity_poly.pdbx_seq_one_letter_code
;MFENITAAPADPILGLADLFRADERPGKINLGIGVYKDETGKTPVLTSVKKAEQYLLENETTKNYLGIDGIPEFGRCTQE
LLFGKGSALINDKRARTAQTPGGTGALRVAADFLAKNTSVKRVWVSNPSWPNHKSVFNSAGLEVREYAYYDAENHTLDFD
ALINSLNEAQAGDVVLFHGCCHNPTGIDPTLEQWQTLAQLSVEKGWLPLFDFAYQGFARGLEEDAEGLRAFAAMHKELIV
ASSYSKNFGLYNERVGACTLVAADSETVDRAFSQMKAAIRANYSNPPAHGASVVATILSNDALRAIWEQELTDMRQRIQR
MRQLFVNTLQEKGANRDFSFIIKQNGMFSFSGLTKEQVLRLREEFGVYAVASGRVNVAGMTPDNMAPLCEAIVAVL
;
_entity_poly.pdbx_strand_id   A,B
#
loop_
_chem_comp.id
_chem_comp.type
_chem_comp.name
_chem_comp.formula
PMG non-polymer 'N-({3-HYDROXY-2-METHYL-5-[(PHOSPHONOOXY)METHYL]PYRIDIN-4-YL}METHYL)-2-METHYL-L-GLUTAMIC ACID' 'C14 H21 N2 O9 P'
#
# COMPACT_ATOMS: atom_id res chain seq x y z
N MET A 1 -9.59 25.87 -4.45
CA MET A 1 -10.45 24.72 -4.07
C MET A 1 -10.04 24.10 -2.74
N PHE A 2 -8.78 24.28 -2.37
CA PHE A 2 -8.29 23.72 -1.11
C PHE A 2 -8.52 24.67 0.07
N GLU A 3 -9.27 25.73 -0.14
CA GLU A 3 -9.57 26.70 0.92
C GLU A 3 -10.74 26.18 1.75
N ASN A 4 -11.68 25.53 1.07
CA ASN A 4 -12.87 25.01 1.72
C ASN A 4 -12.68 23.72 2.50
N ILE A 5 -11.46 23.19 2.51
CA ILE A 5 -11.19 21.95 3.23
C ILE A 5 -11.01 22.24 4.73
N THR A 6 -11.73 21.49 5.57
CA THR A 6 -11.59 21.66 7.00
C THR A 6 -10.51 20.68 7.48
N ALA A 7 -9.58 21.17 8.31
CA ALA A 7 -8.51 20.34 8.81
C ALA A 7 -9.02 19.09 9.52
N ALA A 8 -8.19 18.04 9.52
CA ALA A 8 -8.56 16.78 10.16
C ALA A 8 -7.90 16.70 11.54
N PRO A 9 -8.58 16.08 12.51
CA PRO A 9 -7.98 15.97 13.85
C PRO A 9 -6.78 15.04 13.79
N ALA A 10 -5.97 15.06 14.84
CA ALA A 10 -4.79 14.20 14.87
C ALA A 10 -5.19 12.77 15.20
N ASP A 11 -4.43 11.81 14.67
CA ASP A 11 -4.74 10.42 14.94
C ASP A 11 -4.58 10.22 16.44
N PRO A 12 -5.62 9.69 17.11
CA PRO A 12 -5.54 9.47 18.56
C PRO A 12 -4.37 8.59 18.99
N ILE A 13 -3.75 7.90 18.04
CA ILE A 13 -2.63 7.02 18.33
C ILE A 13 -1.33 7.50 17.69
N LEU A 14 -1.29 7.55 16.37
CA LEU A 14 -0.09 7.98 15.65
C LEU A 14 0.26 9.43 15.95
N GLY A 15 -0.75 10.22 16.31
CA GLY A 15 -0.48 11.60 16.63
C GLY A 15 0.40 11.68 17.85
N LEU A 16 -0.06 11.06 18.93
CA LEU A 16 0.67 11.03 20.20
C LEU A 16 2.18 10.92 20.02
N ALA A 17 2.59 10.08 19.07
CA ALA A 17 4.01 9.85 18.78
C ALA A 17 4.77 11.11 18.38
N ASP A 18 4.08 12.02 17.68
CA ASP A 18 4.68 13.28 17.24
C ASP A 18 4.79 14.24 18.41
N LEU A 19 3.77 14.21 19.26
CA LEU A 19 3.73 15.07 20.44
C LEU A 19 4.82 14.65 21.40
N PHE A 20 5.21 13.38 21.35
CA PHE A 20 6.25 12.84 22.22
C PHE A 20 7.63 13.19 21.70
N ARG A 21 7.82 12.99 20.39
CA ARG A 21 9.10 13.28 19.75
C ARG A 21 9.39 14.78 19.85
N ALA A 22 8.36 15.53 20.24
CA ALA A 22 8.50 16.98 20.36
C ALA A 22 8.87 17.40 21.79
N ASP A 23 8.34 16.68 22.78
CA ASP A 23 8.62 17.01 24.17
C ASP A 23 10.12 17.08 24.43
N GLU A 24 10.55 18.14 25.09
CA GLU A 24 11.97 18.36 25.38
C GLU A 24 12.46 17.97 26.76
N ARG A 25 11.55 17.82 27.73
CA ARG A 25 11.97 17.46 29.08
C ARG A 25 12.53 16.05 29.14
N PRO A 26 13.62 15.86 29.90
CA PRO A 26 14.28 14.56 30.05
C PRO A 26 13.51 13.59 30.93
N GLY A 27 13.58 12.30 30.60
CA GLY A 27 12.88 11.31 31.39
C GLY A 27 11.52 10.93 30.82
N LYS A 28 11.10 11.57 29.74
CA LYS A 28 9.82 11.27 29.09
C LYS A 28 9.67 9.77 28.91
N ILE A 29 8.43 9.29 29.02
CA ILE A 29 8.15 7.87 28.85
C ILE A 29 7.03 7.68 27.84
N ASN A 30 7.32 6.92 26.79
CA ASN A 30 6.34 6.68 25.73
C ASN A 30 5.63 5.34 25.91
N LEU A 31 4.35 5.40 26.26
CA LEU A 31 3.55 4.19 26.44
C LEU A 31 2.36 4.23 25.48
N GLY A 32 2.56 4.89 24.34
CA GLY A 32 1.52 5.04 23.34
C GLY A 32 1.43 3.92 22.31
N ILE A 33 1.91 4.21 21.10
CA ILE A 33 1.87 3.26 19.99
C ILE A 33 2.29 1.84 20.38
N GLY A 34 1.54 0.87 19.87
CA GLY A 34 1.80 -0.53 20.18
C GLY A 34 2.97 -1.19 19.46
N VAL A 35 4.16 -0.71 19.75
CA VAL A 35 5.35 -1.28 19.15
C VAL A 35 6.13 -1.95 20.28
N TYR A 36 6.68 -3.12 20.00
CA TYR A 36 7.44 -3.84 21.00
C TYR A 36 8.78 -3.15 21.29
N LYS A 37 9.26 -3.30 22.52
CA LYS A 37 10.54 -2.76 22.93
C LYS A 37 11.20 -3.80 23.81
N ASP A 38 12.53 -3.92 23.72
CA ASP A 38 13.24 -4.88 24.55
C ASP A 38 13.61 -4.24 25.87
N GLU A 39 14.40 -4.95 26.68
CA GLU A 39 14.81 -4.45 28.00
C GLU A 39 15.52 -3.10 27.96
N THR A 40 16.23 -2.80 26.88
CA THR A 40 16.95 -1.53 26.80
C THR A 40 16.05 -0.43 26.24
N GLY A 41 14.79 -0.76 25.96
CA GLY A 41 13.87 0.24 25.46
C GLY A 41 13.95 0.55 23.98
N LYS A 42 14.48 -0.38 23.19
CA LYS A 42 14.57 -0.16 21.75
C LYS A 42 13.73 -1.19 21.00
N THR A 43 13.41 -0.88 19.76
CA THR A 43 12.62 -1.75 18.89
C THR A 43 13.59 -2.29 17.83
N PRO A 44 14.33 -3.35 18.16
CA PRO A 44 15.30 -3.93 17.22
C PRO A 44 14.69 -4.80 16.14
N VAL A 45 15.47 -5.09 15.10
CA VAL A 45 15.01 -5.95 14.03
C VAL A 45 15.43 -7.35 14.46
N LEU A 46 14.52 -8.30 14.37
CA LEU A 46 14.81 -9.67 14.75
C LEU A 46 16.01 -10.24 14.01
N THR A 47 16.67 -11.21 14.64
CA THR A 47 17.83 -11.86 14.05
C THR A 47 17.41 -12.68 12.85
N SER A 48 16.31 -13.40 12.98
CA SER A 48 15.81 -14.22 11.89
C SER A 48 15.51 -13.35 10.67
N VAL A 49 15.17 -12.08 10.92
CA VAL A 49 14.85 -11.12 9.87
C VAL A 49 16.11 -10.57 9.20
N LYS A 50 17.15 -10.32 9.99
CA LYS A 50 18.40 -9.82 9.43
C LYS A 50 18.98 -10.90 8.53
N LYS A 51 18.89 -12.15 8.97
CA LYS A 51 19.38 -13.29 8.18
C LYS A 51 18.62 -13.38 6.87
N ALA A 52 17.30 -13.39 6.93
CA ALA A 52 16.48 -13.48 5.72
C ALA A 52 16.82 -12.35 4.76
N GLU A 53 17.01 -11.15 5.30
CA GLU A 53 17.34 -10.01 4.46
C GLU A 53 18.70 -10.18 3.79
N GLN A 54 19.66 -10.79 4.47
CA GLN A 54 20.97 -11.00 3.85
C GLN A 54 20.83 -12.00 2.70
N TYR A 55 20.02 -13.04 2.92
CA TYR A 55 19.78 -14.04 1.90
C TYR A 55 19.19 -13.39 0.65
N LEU A 56 18.22 -12.50 0.84
CA LEU A 56 17.57 -11.81 -0.26
C LEU A 56 18.54 -10.89 -0.99
N LEU A 57 19.36 -10.16 -0.25
CA LEU A 57 20.32 -9.26 -0.88
C LEU A 57 21.25 -10.02 -1.82
N GLU A 58 21.65 -11.23 -1.42
CA GLU A 58 22.56 -12.02 -2.24
C GLU A 58 21.88 -12.79 -3.38
N ASN A 59 20.63 -13.19 -3.20
CA ASN A 59 19.95 -13.95 -4.24
C ASN A 59 18.91 -13.28 -5.14
N GLU A 60 18.49 -12.04 -4.83
CA GLU A 60 17.51 -11.35 -5.67
C GLU A 60 18.17 -10.92 -6.96
N THR A 61 17.58 -11.27 -8.10
CA THR A 61 18.18 -10.91 -9.37
C THR A 61 17.34 -9.88 -10.10
N THR A 62 16.14 -9.63 -9.57
CA THR A 62 15.23 -8.68 -10.20
C THR A 62 14.19 -8.13 -9.21
N LYS A 63 13.63 -6.96 -9.53
CA LYS A 63 12.60 -6.33 -8.71
C LYS A 63 11.31 -6.30 -9.54
N ASN A 64 11.23 -7.17 -10.54
CA ASN A 64 10.06 -7.20 -11.39
C ASN A 64 8.78 -7.35 -10.57
N TYR A 65 7.71 -6.72 -11.04
CA TYR A 65 6.41 -6.73 -10.36
C TYR A 65 5.95 -8.11 -9.92
N LEU A 66 5.32 -8.17 -8.75
CA LEU A 66 4.76 -9.41 -8.25
C LEU A 66 3.35 -9.46 -8.85
N GLY A 67 2.68 -10.59 -8.71
CA GLY A 67 1.32 -10.68 -9.21
C GLY A 67 0.48 -9.81 -8.29
N ILE A 68 -0.73 -9.46 -8.73
CA ILE A 68 -1.61 -8.62 -7.94
C ILE A 68 -1.74 -9.11 -6.49
N ASP A 69 -1.81 -10.42 -6.30
CA ASP A 69 -1.96 -10.99 -4.97
C ASP A 69 -0.67 -11.34 -4.25
N GLY A 70 0.46 -10.91 -4.80
CA GLY A 70 1.74 -11.16 -4.13
C GLY A 70 2.41 -12.51 -4.30
N ILE A 71 3.34 -12.79 -3.40
CA ILE A 71 4.10 -14.04 -3.40
C ILE A 71 3.24 -15.25 -3.05
N PRO A 72 3.21 -16.27 -3.94
CA PRO A 72 2.44 -17.50 -3.74
C PRO A 72 2.73 -18.22 -2.42
N GLU A 73 4.01 -18.47 -2.15
CA GLU A 73 4.40 -19.16 -0.91
C GLU A 73 3.92 -18.38 0.31
N PHE A 74 3.93 -17.05 0.21
CA PHE A 74 3.47 -16.21 1.32
C PHE A 74 2.03 -16.55 1.65
N GLY A 75 1.17 -16.64 0.64
CA GLY A 75 -0.21 -16.98 0.87
C GLY A 75 -0.37 -18.35 1.51
N ARG A 76 0.38 -19.33 1.01
CA ARG A 76 0.30 -20.69 1.54
C ARG A 76 0.72 -20.78 3.00
N CYS A 77 1.85 -20.14 3.34
CA CYS A 77 2.34 -20.16 4.70
C CYS A 77 1.34 -19.47 5.64
N THR A 78 0.68 -18.43 5.14
CA THR A 78 -0.31 -17.69 5.92
C THR A 78 -1.45 -18.62 6.31
N GLN A 79 -2.01 -19.32 5.32
CA GLN A 79 -3.13 -20.21 5.55
C GLN A 79 -2.84 -21.32 6.56
N GLU A 80 -1.63 -21.88 6.52
CA GLU A 80 -1.26 -22.93 7.47
C GLU A 80 -1.26 -22.34 8.87
N LEU A 81 -0.64 -21.17 9.02
CA LEU A 81 -0.57 -20.49 10.32
C LEU A 81 -1.95 -20.22 10.93
N LEU A 82 -2.89 -19.82 10.07
CA LEU A 82 -4.24 -19.50 10.52
C LEU A 82 -5.13 -20.72 10.77
N PHE A 83 -5.20 -21.61 9.79
CA PHE A 83 -6.08 -22.77 9.89
C PHE A 83 -5.47 -24.09 10.35
N GLY A 84 -4.15 -24.20 10.29
CA GLY A 84 -3.51 -25.45 10.70
C GLY A 84 -3.06 -26.24 9.48
N LYS A 85 -1.87 -26.80 9.56
CA LYS A 85 -1.27 -27.58 8.49
C LYS A 85 -2.19 -28.56 7.76
N GLY A 86 -2.94 -29.36 8.49
CA GLY A 86 -3.81 -30.32 7.83
C GLY A 86 -5.22 -29.85 7.55
N SER A 87 -5.49 -28.58 7.82
CA SER A 87 -6.82 -28.01 7.64
C SER A 87 -7.57 -28.48 6.39
N ALA A 88 -8.88 -28.68 6.54
CA ALA A 88 -9.70 -29.11 5.43
C ALA A 88 -9.97 -27.93 4.51
N LEU A 89 -9.96 -26.72 5.08
CA LEU A 89 -10.19 -25.53 4.29
C LEU A 89 -9.13 -25.47 3.21
N ILE A 90 -7.89 -25.77 3.58
CA ILE A 90 -6.79 -25.76 2.64
C ILE A 90 -6.87 -26.93 1.67
N ASN A 91 -7.14 -28.13 2.20
CA ASN A 91 -7.24 -29.32 1.37
C ASN A 91 -8.36 -29.22 0.34
N ASP A 92 -9.46 -28.55 0.69
CA ASP A 92 -10.56 -28.40 -0.24
C ASP A 92 -10.42 -27.14 -1.10
N LYS A 93 -9.32 -26.42 -0.91
CA LYS A 93 -9.02 -25.20 -1.65
C LYS A 93 -10.16 -24.18 -1.56
N ARG A 94 -10.67 -23.99 -0.35
CA ARG A 94 -11.76 -23.04 -0.13
C ARG A 94 -11.25 -21.66 0.25
N ALA A 95 -9.93 -21.51 0.35
CA ALA A 95 -9.34 -20.23 0.74
C ALA A 95 -8.31 -19.67 -0.21
N ARG A 96 -8.40 -18.37 -0.46
CA ARG A 96 -7.44 -17.67 -1.31
C ARG A 96 -6.90 -16.52 -0.46
N THR A 97 -5.60 -16.26 -0.58
CA THR A 97 -4.98 -15.21 0.20
C THR A 97 -4.26 -14.17 -0.65
N ALA A 98 -4.45 -12.91 -0.33
CA ALA A 98 -3.76 -11.85 -1.04
C ALA A 98 -2.80 -11.19 -0.08
N GLN A 99 -1.57 -10.99 -0.53
CA GLN A 99 -0.56 -10.31 0.27
C GLN A 99 -0.94 -8.83 0.23
N THR A 100 -1.03 -8.18 1.39
CA THR A 100 -1.40 -6.77 1.41
C THR A 100 -0.42 -5.89 2.18
N PRO A 101 -0.53 -4.56 2.01
CA PRO A 101 0.38 -3.67 2.73
C PRO A 101 -0.09 -3.49 4.17
N GLY A 102 0.32 -4.43 5.02
CA GLY A 102 -0.05 -4.40 6.42
C GLY A 102 -1.46 -4.91 6.72
N GLY A 103 -1.76 -5.06 8.01
CA GLY A 103 -3.08 -5.52 8.39
C GLY A 103 -4.11 -4.47 8.01
N THR A 104 -3.74 -3.20 8.11
CA THR A 104 -4.64 -2.13 7.72
C THR A 104 -5.03 -2.32 6.26
N GLY A 105 -4.02 -2.54 5.42
CA GLY A 105 -4.27 -2.74 3.99
C GLY A 105 -5.21 -3.92 3.74
N ALA A 106 -5.08 -4.97 4.55
CA ALA A 106 -5.94 -6.14 4.41
C ALA A 106 -7.37 -5.77 4.75
N LEU A 107 -7.53 -4.91 5.76
CA LEU A 107 -8.85 -4.48 6.18
C LEU A 107 -9.51 -3.63 5.11
N ARG A 108 -8.72 -2.75 4.48
CA ARG A 108 -9.24 -1.90 3.43
C ARG A 108 -9.62 -2.66 2.15
N VAL A 109 -8.81 -3.62 1.72
CA VAL A 109 -9.17 -4.34 0.51
C VAL A 109 -10.44 -5.14 0.77
N ALA A 110 -10.59 -5.67 1.98
CA ALA A 110 -11.78 -6.43 2.34
C ALA A 110 -12.99 -5.52 2.30
N ALA A 111 -12.85 -4.32 2.85
CA ALA A 111 -13.93 -3.35 2.87
C ALA A 111 -14.32 -2.94 1.43
N ASP A 112 -13.34 -2.60 0.61
CA ASP A 112 -13.60 -2.22 -0.78
C ASP A 112 -14.28 -3.37 -1.53
N PHE A 113 -13.77 -4.57 -1.30
CA PHE A 113 -14.31 -5.75 -1.95
C PHE A 113 -15.78 -5.96 -1.58
N LEU A 114 -16.06 -5.89 -0.28
CA LEU A 114 -17.43 -6.08 0.20
C LEU A 114 -18.38 -5.00 -0.29
N ALA A 115 -17.93 -3.74 -0.26
CA ALA A 115 -18.79 -2.65 -0.68
C ALA A 115 -19.16 -2.72 -2.16
N LYS A 116 -18.20 -3.07 -3.00
CA LYS A 116 -18.44 -3.14 -4.43
C LYS A 116 -19.04 -4.43 -5.00
N ASN A 117 -18.92 -5.53 -4.27
CA ASN A 117 -19.38 -6.83 -4.78
C ASN A 117 -20.43 -7.62 -4.00
N THR A 118 -20.91 -7.07 -2.89
CA THR A 118 -21.91 -7.78 -2.10
C THR A 118 -23.00 -6.82 -1.65
N SER A 119 -23.99 -7.33 -0.92
CA SER A 119 -25.06 -6.48 -0.44
C SER A 119 -24.79 -6.06 1.00
N VAL A 120 -23.54 -6.25 1.46
CA VAL A 120 -23.19 -5.85 2.81
C VAL A 120 -23.32 -4.35 2.94
N LYS A 121 -23.98 -3.90 4.00
CA LYS A 121 -24.17 -2.48 4.22
C LYS A 121 -23.66 -2.06 5.59
N ARG A 122 -23.54 -3.03 6.50
CA ARG A 122 -23.12 -2.72 7.85
C ARG A 122 -22.05 -3.64 8.45
N VAL A 123 -21.13 -3.03 9.20
CA VAL A 123 -20.07 -3.76 9.88
C VAL A 123 -20.22 -3.48 11.37
N TRP A 124 -20.20 -4.53 12.18
CA TRP A 124 -20.31 -4.39 13.63
C TRP A 124 -18.94 -4.55 14.28
N VAL A 125 -18.53 -3.53 15.02
CA VAL A 125 -17.25 -3.51 15.71
C VAL A 125 -17.47 -3.37 17.20
N SER A 126 -16.54 -3.90 17.98
CA SER A 126 -16.64 -3.84 19.42
C SER A 126 -16.35 -2.45 19.95
N ASN A 127 -16.96 -2.15 21.08
CA ASN A 127 -16.76 -0.89 21.77
C ASN A 127 -16.21 -1.28 23.14
N PRO A 128 -14.96 -0.91 23.42
CA PRO A 128 -14.06 -0.16 22.55
C PRO A 128 -13.34 -1.05 21.53
N SER A 129 -12.61 -0.43 20.62
CA SER A 129 -11.84 -1.17 19.63
C SER A 129 -10.73 -0.30 19.08
N TRP A 130 -9.88 -0.87 18.24
CA TRP A 130 -8.82 -0.10 17.61
C TRP A 130 -9.56 1.05 16.91
N PRO A 131 -9.19 2.30 17.19
CA PRO A 131 -9.83 3.49 16.59
C PRO A 131 -9.96 3.48 15.07
N ASN A 132 -8.92 2.99 14.40
CA ASN A 132 -8.89 2.98 12.94
C ASN A 132 -9.88 2.05 12.25
N HIS A 133 -10.48 1.12 12.99
CA HIS A 133 -11.45 0.20 12.39
C HIS A 133 -12.62 0.92 11.72
N LYS A 134 -13.24 1.86 12.42
CA LYS A 134 -14.37 2.59 11.86
C LYS A 134 -13.96 3.40 10.63
N SER A 135 -12.79 4.02 10.69
CA SER A 135 -12.29 4.82 9.57
C SER A 135 -12.07 3.99 8.31
N VAL A 136 -11.55 2.78 8.46
CA VAL A 136 -11.30 1.92 7.31
C VAL A 136 -12.59 1.53 6.61
N PHE A 137 -13.59 1.08 7.36
CA PHE A 137 -14.85 0.68 6.75
C PHE A 137 -15.67 1.85 6.24
N ASN A 138 -15.68 2.97 6.95
CA ASN A 138 -16.41 4.14 6.51
C ASN A 138 -15.79 4.60 5.18
N SER A 139 -14.48 4.42 5.06
CA SER A 139 -13.78 4.82 3.86
C SER A 139 -14.37 4.16 2.62
N ALA A 140 -14.97 2.98 2.79
CA ALA A 140 -15.59 2.28 1.67
C ALA A 140 -17.09 2.56 1.61
N GLY A 141 -17.56 3.50 2.42
CA GLY A 141 -18.99 3.82 2.42
C GLY A 141 -19.84 2.90 3.26
N LEU A 142 -19.19 2.09 4.09
CA LEU A 142 -19.90 1.14 4.94
C LEU A 142 -20.26 1.73 6.32
N GLU A 143 -21.51 1.54 6.73
CA GLU A 143 -21.97 2.00 8.04
C GLU A 143 -21.37 1.10 9.11
N VAL A 144 -20.91 1.70 10.20
CA VAL A 144 -20.32 0.93 11.28
C VAL A 144 -21.11 1.06 12.59
N ARG A 145 -21.53 -0.08 13.13
CA ARG A 145 -22.28 -0.12 14.39
C ARG A 145 -21.37 -0.74 15.44
N GLU A 146 -21.63 -0.46 16.71
CA GLU A 146 -20.81 -1.02 17.77
C GLU A 146 -21.56 -1.95 18.70
N TYR A 147 -20.88 -2.98 19.19
CA TYR A 147 -21.49 -3.90 20.13
C TYR A 147 -20.75 -3.80 21.47
N ALA A 148 -21.45 -4.11 22.55
CA ALA A 148 -20.86 -4.04 23.88
C ALA A 148 -19.81 -5.14 24.05
N TYR A 149 -18.79 -4.86 24.85
CA TYR A 149 -17.73 -5.84 25.00
C TYR A 149 -17.06 -5.89 26.37
N TYR A 150 -16.74 -4.72 26.93
CA TYR A 150 -16.02 -4.66 28.19
C TYR A 150 -16.81 -4.30 29.44
N ASP A 151 -16.61 -5.10 30.49
CA ASP A 151 -17.23 -4.87 31.79
C ASP A 151 -16.17 -4.05 32.52
N ALA A 152 -16.31 -2.73 32.50
CA ALA A 152 -15.33 -1.84 33.14
C ALA A 152 -15.29 -1.95 34.65
N GLU A 153 -16.29 -2.61 35.24
CA GLU A 153 -16.35 -2.76 36.69
C GLU A 153 -15.53 -3.96 37.15
N ASN A 154 -15.75 -5.10 36.50
CA ASN A 154 -15.02 -6.32 36.84
C ASN A 154 -13.80 -6.53 35.96
N HIS A 155 -13.52 -5.58 35.07
CA HIS A 155 -12.37 -5.68 34.17
C HIS A 155 -12.37 -7.03 33.46
N THR A 156 -13.53 -7.41 32.94
CA THR A 156 -13.66 -8.69 32.24
C THR A 156 -14.57 -8.52 31.04
N LEU A 157 -14.76 -9.61 30.31
CA LEU A 157 -15.60 -9.60 29.14
C LEU A 157 -17.05 -9.67 29.57
N ASP A 158 -17.84 -8.69 29.14
CA ASP A 158 -19.25 -8.65 29.49
C ASP A 158 -19.97 -9.47 28.41
N PHE A 159 -19.88 -10.79 28.54
CA PHE A 159 -20.48 -11.70 27.57
C PHE A 159 -22.00 -11.57 27.38
N ASP A 160 -22.71 -11.28 28.47
CA ASP A 160 -24.16 -11.12 28.40
C ASP A 160 -24.55 -9.90 27.58
N ALA A 161 -23.89 -8.77 27.84
CA ALA A 161 -24.17 -7.53 27.12
C ALA A 161 -23.74 -7.67 25.66
N LEU A 162 -22.66 -8.40 25.43
CA LEU A 162 -22.15 -8.61 24.07
C LEU A 162 -23.22 -9.32 23.23
N ILE A 163 -23.75 -10.41 23.78
CA ILE A 163 -24.79 -11.19 23.12
C ILE A 163 -26.04 -10.35 22.85
N ASN A 164 -26.51 -9.62 23.86
CA ASN A 164 -27.69 -8.78 23.70
C ASN A 164 -27.50 -7.64 22.70
N SER A 165 -26.34 -6.98 22.72
CA SER A 165 -26.13 -5.87 21.79
C SER A 165 -26.04 -6.31 20.33
N LEU A 166 -25.72 -7.59 20.10
CA LEU A 166 -25.63 -8.10 18.73
C LEU A 166 -26.93 -8.72 18.25
N ASN A 167 -27.99 -8.54 19.03
CA ASN A 167 -29.30 -9.09 18.68
C ASN A 167 -29.83 -8.43 17.40
N GLU A 168 -29.46 -7.18 17.18
CA GLU A 168 -29.89 -6.42 16.02
C GLU A 168 -29.03 -6.65 14.76
N ALA A 169 -27.96 -7.43 14.88
CA ALA A 169 -27.09 -7.70 13.73
C ALA A 169 -27.81 -8.71 12.84
N GLN A 170 -28.23 -8.25 11.66
CA GLN A 170 -28.96 -9.09 10.72
C GLN A 170 -28.12 -10.01 9.84
N ALA A 171 -28.78 -10.98 9.22
CA ALA A 171 -28.09 -11.89 8.32
C ALA A 171 -27.54 -10.99 7.22
N GLY A 172 -26.31 -11.26 6.79
CA GLY A 172 -25.72 -10.42 5.77
C GLY A 172 -24.85 -9.33 6.35
N ASP A 173 -25.01 -9.04 7.64
CA ASP A 173 -24.18 -8.04 8.31
C ASP A 173 -22.82 -8.65 8.61
N VAL A 174 -21.78 -7.82 8.58
CA VAL A 174 -20.45 -8.28 8.89
C VAL A 174 -20.15 -8.00 10.36
N VAL A 175 -19.64 -8.99 11.07
CA VAL A 175 -19.29 -8.81 12.47
C VAL A 175 -17.76 -8.98 12.62
N LEU A 176 -17.10 -7.93 13.11
CA LEU A 176 -15.64 -7.92 13.30
C LEU A 176 -15.23 -8.52 14.66
N PHE A 177 -14.28 -9.44 14.62
CA PHE A 177 -13.78 -10.06 15.85
C PHE A 177 -12.27 -9.94 15.89
N HIS A 178 -11.69 -9.72 17.07
CA HIS A 178 -10.24 -9.67 17.16
C HIS A 178 -9.83 -11.12 17.44
N GLY A 179 -8.89 -11.63 16.67
CA GLY A 179 -8.44 -13.01 16.83
C GLY A 179 -7.98 -13.35 18.23
N CYS A 180 -7.15 -12.48 18.80
CA CYS A 180 -6.62 -12.63 20.16
C CYS A 180 -6.00 -11.29 20.54
N CYS A 181 -5.72 -11.11 21.83
CA CYS A 181 -5.14 -9.86 22.32
C CYS A 181 -5.98 -8.66 21.91
N HIS A 182 -7.27 -8.71 22.28
CA HIS A 182 -8.19 -7.62 21.95
C HIS A 182 -7.54 -6.25 22.20
N ASN A 183 -7.66 -5.38 21.21
CA ASN A 183 -7.10 -4.04 21.31
C ASN A 183 -8.30 -3.11 21.51
N PRO A 184 -8.31 -2.32 22.60
CA PRO A 184 -7.30 -2.18 23.66
C PRO A 184 -7.50 -2.88 25.01
N THR A 185 -8.53 -3.70 25.16
CA THR A 185 -8.77 -4.31 26.48
C THR A 185 -7.88 -5.47 26.91
N GLY A 186 -7.36 -6.22 25.96
CA GLY A 186 -6.52 -7.35 26.31
C GLY A 186 -7.35 -8.52 26.79
N ILE A 187 -8.68 -8.38 26.77
CA ILE A 187 -9.58 -9.45 27.20
C ILE A 187 -10.13 -10.21 25.99
N ASP A 188 -9.85 -11.50 25.94
CA ASP A 188 -10.31 -12.36 24.84
C ASP A 188 -11.35 -13.34 25.34
N PRO A 189 -12.18 -13.85 24.43
CA PRO A 189 -13.21 -14.81 24.85
C PRO A 189 -12.51 -16.13 25.12
N THR A 190 -13.12 -16.96 25.97
CA THR A 190 -12.56 -18.28 26.25
C THR A 190 -12.98 -19.14 25.08
N LEU A 191 -12.35 -20.32 24.94
CA LEU A 191 -12.72 -21.21 23.85
C LEU A 191 -14.20 -21.50 23.86
N GLU A 192 -14.76 -21.67 25.06
CA GLU A 192 -16.18 -21.94 25.22
C GLU A 192 -17.00 -20.78 24.66
N GLN A 193 -16.58 -19.55 24.99
CA GLN A 193 -17.28 -18.36 24.51
C GLN A 193 -17.19 -18.25 22.99
N TRP A 194 -16.02 -18.56 22.43
CA TRP A 194 -15.83 -18.54 20.98
C TRP A 194 -16.81 -19.50 20.33
N GLN A 195 -16.85 -20.73 20.84
CA GLN A 195 -17.74 -21.76 20.31
C GLN A 195 -19.20 -21.30 20.33
N THR A 196 -19.58 -20.61 21.40
CA THR A 196 -20.94 -20.11 21.53
C THR A 196 -21.18 -19.07 20.43
N LEU A 197 -20.24 -18.16 20.25
CA LEU A 197 -20.35 -17.13 19.23
C LEU A 197 -20.37 -17.72 17.82
N ALA A 198 -19.56 -18.75 17.60
CA ALA A 198 -19.53 -19.41 16.31
C ALA A 198 -20.92 -19.93 15.99
N GLN A 199 -21.51 -20.67 16.93
CA GLN A 199 -22.86 -21.22 16.73
C GLN A 199 -23.86 -20.09 16.47
N LEU A 200 -23.86 -19.10 17.33
CA LEU A 200 -24.78 -17.97 17.19
C LEU A 200 -24.61 -17.30 15.84
N SER A 201 -23.35 -17.15 15.43
CA SER A 201 -23.02 -16.53 14.16
C SER A 201 -23.68 -17.26 13.00
N VAL A 202 -23.55 -18.58 12.94
CA VAL A 202 -24.15 -19.33 11.86
C VAL A 202 -25.68 -19.22 11.86
N GLU A 203 -26.28 -19.30 13.03
CA GLU A 203 -27.75 -19.20 13.12
C GLU A 203 -28.29 -17.84 12.69
N LYS A 204 -27.56 -16.77 13.00
CA LYS A 204 -28.00 -15.43 12.66
C LYS A 204 -27.64 -15.04 11.24
N GLY A 205 -26.73 -15.78 10.62
CA GLY A 205 -26.33 -15.48 9.26
C GLY A 205 -25.34 -14.34 9.11
N TRP A 206 -24.45 -14.17 10.09
CA TRP A 206 -23.46 -13.09 10.00
C TRP A 206 -22.28 -13.51 9.13
N LEU A 207 -21.59 -12.52 8.60
CA LEU A 207 -20.39 -12.78 7.81
C LEU A 207 -19.28 -12.39 8.78
N PRO A 208 -18.57 -13.38 9.35
CA PRO A 208 -17.49 -13.10 10.31
C PRO A 208 -16.24 -12.54 9.64
N LEU A 209 -15.71 -11.46 10.23
CA LEU A 209 -14.48 -10.86 9.70
C LEU A 209 -13.52 -10.82 10.87
N PHE A 210 -12.44 -11.58 10.77
CA PHE A 210 -11.45 -11.63 11.82
C PHE A 210 -10.25 -10.73 11.56
N ASP A 211 -9.86 -9.97 12.57
CA ASP A 211 -8.69 -9.10 12.48
C ASP A 211 -7.70 -9.82 13.39
N PHE A 212 -6.65 -10.35 12.79
CA PHE A 212 -5.64 -11.12 13.50
C PHE A 212 -4.30 -10.39 13.44
N ALA A 213 -4.08 -9.42 14.33
CA ALA A 213 -2.83 -8.67 14.31
C ALA A 213 -1.78 -9.07 15.35
N TYR A 214 -2.13 -9.96 16.27
CA TYR A 214 -1.18 -10.35 17.32
C TYR A 214 -1.02 -11.85 17.54
N GLN A 215 -1.24 -12.66 16.51
CA GLN A 215 -1.11 -14.10 16.68
C GLN A 215 0.25 -14.45 17.29
N GLY A 216 0.20 -15.21 18.40
CA GLY A 216 1.42 -15.60 19.09
C GLY A 216 1.71 -14.78 20.32
N PHE A 217 0.99 -13.68 20.52
CA PHE A 217 1.23 -12.83 21.68
C PHE A 217 0.37 -13.16 22.89
N ALA A 218 -0.61 -14.05 22.72
CA ALA A 218 -1.46 -14.42 23.85
C ALA A 218 -0.83 -15.63 24.55
N ARG A 219 -0.97 -16.80 23.94
CA ARG A 219 -0.41 -18.03 24.49
C ARG A 219 0.63 -18.66 23.56
N GLY A 220 0.32 -18.69 22.27
CA GLY A 220 1.22 -19.27 21.28
C GLY A 220 0.57 -19.20 19.91
N LEU A 221 1.32 -19.53 18.86
CA LEU A 221 0.79 -19.47 17.49
C LEU A 221 -0.49 -20.28 17.31
N GLU A 222 -0.44 -21.57 17.64
CA GLU A 222 -1.60 -22.44 17.48
C GLU A 222 -2.71 -22.08 18.43
N GLU A 223 -2.39 -21.89 19.70
CA GLU A 223 -3.39 -21.56 20.71
C GLU A 223 -4.17 -20.29 20.39
N ASP A 224 -3.47 -19.24 19.95
CA ASP A 224 -4.11 -17.97 19.63
C ASP A 224 -5.06 -18.06 18.45
N ALA A 225 -4.97 -19.14 17.68
CA ALA A 225 -5.83 -19.33 16.52
C ALA A 225 -7.05 -20.20 16.77
N GLU A 226 -7.25 -20.65 18.00
CA GLU A 226 -8.40 -21.49 18.34
C GLU A 226 -9.77 -20.89 18.08
N GLY A 227 -9.95 -19.62 18.42
CA GLY A 227 -11.23 -18.98 18.19
C GLY A 227 -11.58 -18.98 16.71
N LEU A 228 -10.63 -18.55 15.88
CA LEU A 228 -10.82 -18.50 14.43
C LEU A 228 -11.16 -19.87 13.86
N ARG A 229 -10.47 -20.88 14.36
CA ARG A 229 -10.68 -22.24 13.89
C ARG A 229 -12.00 -22.83 14.32
N ALA A 230 -12.58 -22.28 15.40
CA ALA A 230 -13.89 -22.75 15.85
C ALA A 230 -14.91 -22.23 14.84
N PHE A 231 -14.68 -21.02 14.36
CA PHE A 231 -15.58 -20.42 13.38
C PHE A 231 -15.38 -21.10 12.03
N ALA A 232 -14.12 -21.25 11.63
CA ALA A 232 -13.77 -21.86 10.35
C ALA A 232 -14.35 -23.25 10.11
N ALA A 233 -14.51 -24.03 11.17
CA ALA A 233 -15.07 -25.37 11.04
C ALA A 233 -16.59 -25.29 11.01
N MET A 234 -17.09 -24.12 11.35
CA MET A 234 -18.51 -23.86 11.44
C MET A 234 -19.09 -23.13 10.25
N HIS A 235 -18.33 -22.20 9.69
CA HIS A 235 -18.84 -21.40 8.59
C HIS A 235 -18.49 -21.81 7.18
N LYS A 236 -19.29 -21.27 6.26
CA LYS A 236 -19.15 -21.50 4.83
C LYS A 236 -18.26 -20.38 4.29
N GLU A 237 -18.49 -19.17 4.77
CA GLU A 237 -17.74 -18.01 4.31
C GLU A 237 -17.19 -17.20 5.48
N LEU A 238 -16.05 -16.57 5.27
CA LEU A 238 -15.48 -15.72 6.30
C LEU A 238 -14.30 -15.00 5.70
N ILE A 239 -13.91 -13.90 6.33
CA ILE A 239 -12.77 -13.14 5.86
C ILE A 239 -11.82 -12.95 7.04
N VAL A 240 -10.52 -12.99 6.77
CA VAL A 240 -9.57 -12.78 7.85
C VAL A 240 -8.48 -11.85 7.37
N ALA A 241 -8.26 -10.79 8.15
CA ALA A 241 -7.23 -9.81 7.85
C ALA A 241 -6.17 -10.05 8.90
N SER A 242 -4.98 -10.43 8.47
CA SER A 242 -3.91 -10.69 9.42
C SER A 242 -2.74 -9.76 9.17
N SER A 243 -1.91 -9.60 10.20
CA SER A 243 -0.75 -8.73 10.13
C SER A 243 0.49 -9.39 10.71
N TYR A 244 1.63 -9.12 10.09
CA TYR A 244 2.91 -9.65 10.54
C TYR A 244 3.77 -8.51 11.11
N SER A 245 3.17 -7.33 11.28
CA SER A 245 3.89 -6.17 11.81
C SER A 245 4.52 -6.40 13.18
N LYS A 246 3.74 -7.00 14.10
CA LYS A 246 4.22 -7.25 15.45
C LYS A 246 4.98 -8.56 15.64
N ASN A 247 4.37 -9.68 15.29
CA ASN A 247 5.04 -10.95 15.48
C ASN A 247 6.34 -11.20 14.69
N PHE A 248 6.70 -10.28 13.80
CA PHE A 248 7.94 -10.41 13.03
C PHE A 248 8.75 -9.12 13.19
N GLY A 249 8.16 -8.13 13.85
CA GLY A 249 8.83 -6.86 14.03
C GLY A 249 9.07 -6.17 12.70
N LEU A 250 8.13 -6.34 11.76
CA LEU A 250 8.27 -5.74 10.43
C LEU A 250 7.32 -4.57 10.19
N TYR A 251 7.00 -3.83 11.25
CA TYR A 251 6.09 -2.68 11.19
C TYR A 251 6.14 -1.86 9.89
N ASN A 252 7.29 -1.24 9.60
CA ASN A 252 7.37 -0.39 8.42
C ASN A 252 7.52 -1.03 7.05
N GLU A 253 7.55 -2.35 6.97
CA GLU A 253 7.67 -2.99 5.65
C GLU A 253 6.26 -3.29 5.11
N ARG A 254 5.26 -3.11 5.97
CA ARG A 254 3.85 -3.29 5.62
C ARG A 254 3.54 -4.68 5.05
N VAL A 255 3.54 -5.67 5.92
CA VAL A 255 3.28 -7.05 5.54
C VAL A 255 2.02 -7.55 6.23
N GLY A 256 1.04 -7.92 5.41
CA GLY A 256 -0.21 -8.44 5.92
C GLY A 256 -0.86 -9.32 4.88
N ALA A 257 -2.05 -9.82 5.18
CA ALA A 257 -2.75 -10.68 4.26
C ALA A 257 -4.24 -10.63 4.46
N CYS A 258 -4.97 -10.75 3.37
CA CYS A 258 -6.42 -10.78 3.43
C CYS A 258 -6.80 -12.15 2.87
N THR A 259 -7.36 -13.00 3.72
CA THR A 259 -7.76 -14.34 3.32
C THR A 259 -9.26 -14.48 3.19
N LEU A 260 -9.67 -14.89 1.99
CA LEU A 260 -11.07 -15.09 1.66
C LEU A 260 -11.41 -16.58 1.70
N VAL A 261 -12.53 -16.90 2.34
CA VAL A 261 -12.98 -18.28 2.43
C VAL A 261 -14.43 -18.37 1.96
N ALA A 262 -14.67 -19.24 0.97
CA ALA A 262 -16.00 -19.42 0.42
C ALA A 262 -16.41 -20.88 0.57
N ALA A 263 -17.64 -21.19 0.16
CA ALA A 263 -18.19 -22.55 0.27
C ALA A 263 -17.37 -23.61 -0.46
N ASP A 264 -16.86 -23.26 -1.63
CA ASP A 264 -16.06 -24.20 -2.43
C ASP A 264 -15.05 -23.45 -3.30
N SER A 265 -14.14 -24.21 -3.90
CA SER A 265 -13.08 -23.66 -4.73
C SER A 265 -13.57 -22.74 -5.86
N GLU A 266 -14.60 -23.17 -6.56
CA GLU A 266 -15.16 -22.40 -7.68
C GLU A 266 -15.66 -21.03 -7.23
N THR A 267 -16.34 -21.00 -6.08
CA THR A 267 -16.89 -19.74 -5.57
C THR A 267 -15.82 -18.78 -5.09
N VAL A 268 -14.85 -19.29 -4.34
CA VAL A 268 -13.77 -18.45 -3.81
C VAL A 268 -12.90 -17.87 -4.94
N ASP A 269 -12.58 -18.68 -5.94
CA ASP A 269 -11.76 -18.18 -7.05
C ASP A 269 -12.50 -17.07 -7.77
N ARG A 270 -13.80 -17.26 -7.97
CA ARG A 270 -14.61 -16.27 -8.66
C ARG A 270 -14.60 -14.96 -7.87
N ALA A 271 -14.89 -15.08 -6.57
CA ALA A 271 -14.93 -13.93 -5.67
C ALA A 271 -13.56 -13.27 -5.53
N PHE A 272 -12.51 -14.08 -5.50
CA PHE A 272 -11.15 -13.59 -5.36
C PHE A 272 -10.74 -12.74 -6.57
N SER A 273 -11.26 -13.06 -7.75
CA SER A 273 -10.88 -12.29 -8.94
C SER A 273 -11.36 -10.86 -8.78
N GLN A 274 -12.45 -10.70 -8.03
CA GLN A 274 -13.01 -9.37 -7.79
C GLN A 274 -12.20 -8.68 -6.68
N MET A 275 -11.61 -9.47 -5.79
CA MET A 275 -10.81 -8.86 -4.76
C MET A 275 -9.56 -8.29 -5.44
N LYS A 276 -8.99 -9.04 -6.37
CA LYS A 276 -7.80 -8.58 -7.10
C LYS A 276 -8.11 -7.31 -7.89
N ALA A 277 -9.35 -7.22 -8.41
CA ALA A 277 -9.76 -6.04 -9.17
C ALA A 277 -9.70 -4.84 -8.23
N ALA A 278 -10.10 -5.06 -6.98
CA ALA A 278 -10.10 -3.99 -5.97
C ALA A 278 -8.69 -3.56 -5.61
N ILE A 279 -7.77 -4.52 -5.53
CA ILE A 279 -6.39 -4.21 -5.21
C ILE A 279 -5.74 -3.42 -6.36
N ARG A 280 -6.02 -3.85 -7.58
CA ARG A 280 -5.48 -3.21 -8.77
C ARG A 280 -5.82 -1.73 -8.86
N ALA A 281 -7.02 -1.36 -8.42
CA ALA A 281 -7.48 0.03 -8.45
C ALA A 281 -7.05 0.81 -7.22
N ASN A 282 -6.30 0.15 -6.34
CA ASN A 282 -5.81 0.80 -5.14
C ASN A 282 -4.30 1.01 -5.23
N TYR A 283 -3.52 -0.04 -5.00
CA TYR A 283 -2.06 0.10 -5.08
C TYR A 283 -1.40 -0.79 -6.15
N SER A 284 -2.23 -1.41 -6.99
CA SER A 284 -1.80 -2.27 -8.09
C SER A 284 -1.24 -3.64 -7.69
N ASN A 285 -0.16 -3.65 -6.92
CA ASN A 285 0.45 -4.89 -6.43
C ASN A 285 1.27 -4.57 -5.17
N PRO A 286 1.41 -5.55 -4.26
CA PRO A 286 2.13 -5.47 -2.98
C PRO A 286 3.65 -5.32 -2.91
N PRO A 287 4.13 -4.62 -1.88
CA PRO A 287 5.58 -4.43 -1.70
C PRO A 287 6.21 -5.79 -1.41
N ALA A 288 7.29 -6.09 -2.13
CA ALA A 288 7.99 -7.38 -2.00
C ALA A 288 8.78 -7.68 -0.74
N HIS A 289 9.71 -6.80 -0.38
CA HIS A 289 10.61 -7.02 0.75
C HIS A 289 10.08 -7.63 2.05
N GLY A 290 9.14 -6.96 2.70
CA GLY A 290 8.60 -7.49 3.94
C GLY A 290 8.07 -8.92 3.78
N ALA A 291 7.23 -9.12 2.77
CA ALA A 291 6.64 -10.43 2.51
C ALA A 291 7.67 -11.47 2.11
N SER A 292 8.72 -11.06 1.41
CA SER A 292 9.76 -12.01 1.01
C SER A 292 10.44 -12.53 2.28
N VAL A 293 10.75 -11.61 3.19
CA VAL A 293 11.39 -11.97 4.45
C VAL A 293 10.56 -13.03 5.18
N VAL A 294 9.27 -12.75 5.34
CA VAL A 294 8.38 -13.67 6.03
C VAL A 294 8.27 -15.03 5.37
N ALA A 295 8.08 -15.05 4.05
CA ALA A 295 7.96 -16.30 3.33
C ALA A 295 9.26 -17.11 3.47
N THR A 296 10.39 -16.42 3.45
CA THR A 296 11.69 -17.07 3.58
C THR A 296 11.83 -17.74 4.94
N ILE A 297 11.48 -17.00 6.00
CA ILE A 297 11.58 -17.51 7.36
C ILE A 297 10.63 -18.66 7.64
N LEU A 298 9.36 -18.49 7.24
CA LEU A 298 8.37 -19.54 7.45
C LEU A 298 8.69 -20.80 6.64
N SER A 299 9.34 -20.63 5.51
CA SER A 299 9.69 -21.75 4.64
C SER A 299 10.93 -22.53 5.08
N ASN A 300 11.90 -21.84 5.68
CA ASN A 300 13.13 -22.46 6.12
C ASN A 300 13.00 -22.95 7.56
N ASP A 301 13.07 -24.27 7.75
CA ASP A 301 12.96 -24.87 9.07
C ASP A 301 13.95 -24.32 10.10
N ALA A 302 15.17 -24.04 9.67
CA ALA A 302 16.18 -23.51 10.57
C ALA A 302 15.85 -22.08 10.99
N LEU A 303 15.42 -21.27 10.02
CA LEU A 303 15.07 -19.88 10.27
C LEU A 303 13.81 -19.76 11.12
N ARG A 304 12.82 -20.59 10.79
CA ARG A 304 11.56 -20.60 11.50
C ARG A 304 11.74 -20.92 12.99
N ALA A 305 12.65 -21.83 13.31
CA ALA A 305 12.90 -22.21 14.70
C ALA A 305 13.43 -21.01 15.47
N ILE A 306 14.32 -20.25 14.84
CA ILE A 306 14.88 -19.07 15.47
C ILE A 306 13.76 -18.04 15.70
N TRP A 307 12.98 -17.78 14.66
CA TRP A 307 11.88 -16.82 14.75
C TRP A 307 10.92 -17.20 15.88
N GLU A 308 10.46 -18.44 15.88
CA GLU A 308 9.53 -18.88 16.92
C GLU A 308 10.11 -18.65 18.31
N GLN A 309 11.43 -18.74 18.44
CA GLN A 309 12.06 -18.52 19.74
C GLN A 309 12.04 -17.04 20.07
N GLU A 310 12.27 -16.20 19.05
CA GLU A 310 12.26 -14.77 19.27
C GLU A 310 10.85 -14.29 19.63
N LEU A 311 9.84 -14.93 19.07
CA LEU A 311 8.46 -14.55 19.36
C LEU A 311 8.15 -14.89 20.81
N THR A 312 8.62 -16.07 21.23
CA THR A 312 8.42 -16.53 22.60
C THR A 312 9.05 -15.55 23.59
N ASP A 313 10.26 -15.10 23.29
CA ASP A 313 10.95 -14.17 24.16
C ASP A 313 10.20 -12.85 24.30
N MET A 314 9.65 -12.34 23.19
CA MET A 314 8.92 -11.10 23.27
C MET A 314 7.68 -11.31 24.13
N ARG A 315 6.95 -12.40 23.86
CA ARG A 315 5.74 -12.69 24.62
C ARG A 315 6.02 -12.77 26.11
N GLN A 316 7.08 -13.47 26.49
CA GLN A 316 7.43 -13.63 27.89
C GLN A 316 7.90 -12.33 28.56
N ARG A 317 8.64 -11.49 27.83
CA ARG A 317 9.11 -10.24 28.43
C ARG A 317 7.91 -9.36 28.79
N ILE A 318 6.88 -9.43 27.96
CA ILE A 318 5.67 -8.64 28.18
C ILE A 318 4.93 -9.14 29.43
N GLN A 319 4.76 -10.45 29.54
CA GLN A 319 4.08 -11.02 30.70
C GLN A 319 4.87 -10.69 31.97
N ARG A 320 6.20 -10.72 31.83
CA ARG A 320 7.11 -10.40 32.92
C ARG A 320 6.83 -8.97 33.36
N MET A 321 6.79 -8.05 32.40
CA MET A 321 6.52 -6.65 32.69
C MET A 321 5.13 -6.46 33.30
N ARG A 322 4.19 -7.32 32.93
CA ARG A 322 2.84 -7.20 33.49
C ARG A 322 2.86 -7.41 35.00
N GLN A 323 3.59 -8.44 35.44
CA GLN A 323 3.69 -8.75 36.86
C GLN A 323 4.47 -7.68 37.61
N LEU A 324 5.57 -7.21 37.02
CA LEU A 324 6.41 -6.18 37.62
C LEU A 324 5.64 -4.85 37.75
N PHE A 325 4.80 -4.56 36.77
CA PHE A 325 4.00 -3.34 36.78
C PHE A 325 3.07 -3.35 37.99
N VAL A 326 2.36 -4.45 38.17
CA VAL A 326 1.44 -4.58 39.29
C VAL A 326 2.18 -4.56 40.64
N ASN A 327 3.33 -5.23 40.71
CA ASN A 327 4.09 -5.26 41.95
C ASN A 327 4.61 -3.88 42.32
N THR A 328 5.15 -3.15 41.35
CA THR A 328 5.69 -1.83 41.63
C THR A 328 4.64 -0.81 42.01
N LEU A 329 3.43 -0.93 41.43
CA LEU A 329 2.34 -0.01 41.77
C LEU A 329 2.03 -0.12 43.26
N GLN A 330 2.02 -1.35 43.76
CA GLN A 330 1.77 -1.58 45.19
C GLN A 330 2.94 -0.96 45.94
N GLU A 331 4.13 -1.41 45.61
CA GLU A 331 5.36 -0.93 46.22
C GLU A 331 5.35 0.60 46.35
N LYS A 332 4.98 1.29 45.27
CA LYS A 332 4.96 2.74 45.29
C LYS A 332 3.75 3.37 45.99
N GLY A 333 2.90 2.55 46.59
CA GLY A 333 1.76 3.09 47.32
C GLY A 333 0.42 3.26 46.65
N ALA A 334 0.06 2.36 45.73
CA ALA A 334 -1.23 2.46 45.08
C ALA A 334 -2.23 1.72 45.96
N ASN A 335 -3.38 2.34 46.20
CA ASN A 335 -4.42 1.72 47.02
C ASN A 335 -5.43 1.00 46.13
N ARG A 336 -5.48 1.42 44.87
CA ARG A 336 -6.37 0.78 43.91
C ARG A 336 -5.73 -0.55 43.53
N ASP A 337 -6.55 -1.57 43.33
CA ASP A 337 -6.06 -2.89 42.98
C ASP A 337 -5.93 -3.04 41.47
N PHE A 338 -4.70 -3.30 41.01
CA PHE A 338 -4.44 -3.45 39.59
C PHE A 338 -4.15 -4.89 39.18
N SER A 339 -4.53 -5.84 40.03
CA SER A 339 -4.29 -7.25 39.77
C SER A 339 -4.87 -7.71 38.44
N PHE A 340 -5.98 -7.11 38.04
CA PHE A 340 -6.64 -7.49 36.80
C PHE A 340 -5.71 -7.40 35.59
N ILE A 341 -4.67 -6.58 35.70
CA ILE A 341 -3.69 -6.42 34.62
C ILE A 341 -2.99 -7.73 34.26
N ILE A 342 -2.82 -8.59 35.25
CA ILE A 342 -2.16 -9.87 35.04
C ILE A 342 -2.98 -10.82 34.15
N LYS A 343 -4.29 -10.59 34.09
CA LYS A 343 -5.16 -11.44 33.29
C LYS A 343 -5.37 -10.99 31.85
N GLN A 344 -4.79 -9.85 31.48
CA GLN A 344 -4.96 -9.36 30.12
C GLN A 344 -3.86 -9.87 29.17
N ASN A 345 -4.24 -10.06 27.91
CA ASN A 345 -3.34 -10.59 26.88
C ASN A 345 -2.80 -9.57 25.90
N GLY A 346 -1.55 -9.75 25.50
CA GLY A 346 -0.95 -8.85 24.53
C GLY A 346 -0.16 -7.69 25.08
N MET A 347 0.07 -6.73 24.21
CA MET A 347 0.83 -5.53 24.52
C MET A 347 0.09 -4.48 25.33
N PHE A 348 -1.21 -4.38 25.11
CA PHE A 348 -2.01 -3.35 25.76
C PHE A 348 -2.88 -3.77 26.93
N SER A 349 -2.90 -2.91 27.94
CA SER A 349 -3.72 -3.14 29.10
C SER A 349 -4.56 -1.89 29.28
N PHE A 350 -5.82 -2.10 29.64
CA PHE A 350 -6.74 -1.00 29.87
C PHE A 350 -6.50 -0.64 31.34
N SER A 351 -5.80 0.47 31.58
CA SER A 351 -5.47 0.89 32.94
C SER A 351 -6.63 1.34 33.80
N GLY A 352 -7.62 1.97 33.18
CA GLY A 352 -8.76 2.42 33.94
C GLY A 352 -8.60 3.85 34.42
N LEU A 353 -7.62 4.56 33.85
CA LEU A 353 -7.41 5.94 34.22
C LEU A 353 -8.34 6.79 33.37
N THR A 354 -8.78 7.91 33.92
CA THR A 354 -9.67 8.82 33.20
C THR A 354 -8.88 9.69 32.25
N LYS A 355 -9.52 10.13 31.16
CA LYS A 355 -8.87 10.98 30.17
C LYS A 355 -8.20 12.16 30.88
N GLU A 356 -8.78 12.56 32.00
CA GLU A 356 -8.22 13.66 32.79
C GLU A 356 -6.83 13.26 33.28
N GLN A 357 -6.78 12.15 34.02
CA GLN A 357 -5.53 11.64 34.57
C GLN A 357 -4.48 11.38 33.48
N VAL A 358 -4.92 10.86 32.34
CA VAL A 358 -4.02 10.57 31.23
C VAL A 358 -3.32 11.85 30.75
N LEU A 359 -4.06 12.94 30.74
CA LEU A 359 -3.50 14.22 30.31
C LEU A 359 -2.61 14.79 31.40
N ARG A 360 -2.94 14.49 32.65
CA ARG A 360 -2.16 14.98 33.76
C ARG A 360 -0.81 14.27 33.78
N LEU A 361 -0.81 12.98 33.46
CA LEU A 361 0.42 12.19 33.42
C LEU A 361 1.37 12.76 32.39
N ARG A 362 0.82 13.15 31.25
CA ARG A 362 1.62 13.69 30.17
C ARG A 362 2.15 15.08 30.43
N GLU A 363 1.27 16.08 30.47
CA GLU A 363 1.68 17.45 30.68
C GLU A 363 2.30 17.74 32.04
N GLU A 364 2.32 16.78 32.93
CA GLU A 364 2.87 17.02 34.26
C GLU A 364 4.02 16.11 34.66
N PHE A 365 3.96 14.85 34.23
CA PHE A 365 5.00 13.89 34.56
C PHE A 365 5.75 13.41 33.34
N GLY A 366 5.32 13.85 32.16
CA GLY A 366 5.99 13.45 30.94
C GLY A 366 5.77 12.02 30.52
N VAL A 367 4.68 11.42 30.99
CA VAL A 367 4.35 10.04 30.64
C VAL A 367 3.22 10.02 29.60
N TYR A 368 3.48 9.40 28.46
CA TYR A 368 2.50 9.35 27.38
C TYR A 368 1.77 8.04 27.20
N ALA A 369 0.44 8.13 27.23
CA ALA A 369 -0.45 6.98 27.04
C ALA A 369 -1.62 7.48 26.18
N VAL A 370 -2.37 6.58 25.58
CA VAL A 370 -3.50 6.98 24.75
C VAL A 370 -4.61 7.48 25.68
N ALA A 371 -5.32 8.53 25.24
CA ALA A 371 -6.40 9.13 26.03
C ALA A 371 -7.48 8.17 26.52
N SER A 372 -7.56 6.98 25.94
CA SER A 372 -8.57 6.02 26.36
C SER A 372 -8.11 5.33 27.64
N GLY A 373 -6.84 5.54 28.00
CA GLY A 373 -6.30 4.94 29.19
C GLY A 373 -5.50 3.70 28.88
N ARG A 374 -5.35 3.41 27.59
CA ARG A 374 -4.59 2.24 27.14
C ARG A 374 -3.10 2.54 27.28
N VAL A 375 -2.38 1.61 27.88
CA VAL A 375 -0.95 1.78 28.02
C VAL A 375 -0.25 0.60 27.35
N ASN A 376 0.88 0.87 26.70
CA ASN A 376 1.63 -0.20 26.05
C ASN A 376 2.57 -0.79 27.07
N VAL A 377 2.23 -1.98 27.58
CA VAL A 377 3.05 -2.67 28.57
C VAL A 377 4.38 -3.11 27.97
N ALA A 378 4.40 -3.33 26.66
CA ALA A 378 5.62 -3.74 25.97
C ALA A 378 6.61 -2.60 25.92
N GLY A 379 6.17 -1.41 26.34
CA GLY A 379 7.05 -0.26 26.32
C GLY A 379 7.70 -0.05 27.67
N MET A 380 7.28 -0.83 28.66
CA MET A 380 7.84 -0.74 30.00
C MET A 380 9.13 -1.52 30.11
N THR A 381 10.07 -0.99 30.86
CA THR A 381 11.35 -1.62 31.07
C THR A 381 11.74 -1.52 32.53
N PRO A 382 12.71 -2.35 32.97
CA PRO A 382 13.15 -2.31 34.35
C PRO A 382 13.64 -0.92 34.73
N ASP A 383 14.11 -0.16 33.74
CA ASP A 383 14.62 1.19 34.01
C ASP A 383 13.57 2.30 34.16
N ASN A 384 12.44 2.20 33.47
CA ASN A 384 11.43 3.25 33.58
C ASN A 384 10.24 2.84 34.44
N MET A 385 10.20 1.59 34.88
CA MET A 385 9.08 1.11 35.68
C MET A 385 8.81 1.95 36.94
N ALA A 386 9.85 2.19 37.74
CA ALA A 386 9.67 2.95 38.97
C ALA A 386 9.16 4.36 38.75
N PRO A 387 9.82 5.14 37.88
CA PRO A 387 9.34 6.51 37.65
C PRO A 387 7.91 6.48 37.12
N LEU A 388 7.62 5.49 36.30
CA LEU A 388 6.31 5.31 35.69
C LEU A 388 5.24 5.11 36.77
N CYS A 389 5.43 4.11 37.62
CA CYS A 389 4.49 3.82 38.68
C CYS A 389 4.36 4.97 39.67
N GLU A 390 5.45 5.68 39.92
CA GLU A 390 5.43 6.83 40.83
C GLU A 390 4.54 7.92 40.25
N ALA A 391 4.57 8.04 38.92
CA ALA A 391 3.74 9.03 38.24
C ALA A 391 2.27 8.64 38.34
N ILE A 392 1.96 7.39 38.03
CA ILE A 392 0.59 6.92 38.09
C ILE A 392 -0.02 7.11 39.48
N VAL A 393 0.67 6.64 40.50
CA VAL A 393 0.21 6.76 41.88
C VAL A 393 -0.12 8.21 42.24
N ALA A 394 0.72 9.13 41.77
CA ALA A 394 0.54 10.55 42.06
C ALA A 394 -0.72 11.14 41.43
N VAL A 395 -1.21 10.52 40.37
CA VAL A 395 -2.39 11.00 39.67
C VAL A 395 -3.65 10.23 40.05
N LEU A 396 -3.51 9.20 40.88
CA LEU A 396 -4.64 8.39 41.30
C LEU A 396 -5.52 9.06 42.34
N MET B 1 -23.19 -15.52 0.75
CA MET B 1 -22.99 -14.09 0.40
C MET B 1 -22.07 -13.89 -0.80
N PHE B 2 -21.25 -14.90 -1.11
CA PHE B 2 -20.32 -14.82 -2.23
C PHE B 2 -20.77 -15.61 -3.47
N GLU B 3 -21.86 -16.36 -3.33
CA GLU B 3 -22.37 -17.19 -4.42
C GLU B 3 -22.70 -16.47 -5.72
N ASN B 4 -23.18 -15.23 -5.64
CA ASN B 4 -23.54 -14.52 -6.86
C ASN B 4 -22.57 -13.50 -7.37
N ILE B 5 -21.36 -13.51 -6.85
CA ILE B 5 -20.38 -12.54 -7.32
C ILE B 5 -20.01 -12.96 -8.74
N THR B 6 -19.96 -11.99 -9.65
CA THR B 6 -19.58 -12.31 -11.01
C THR B 6 -18.06 -12.19 -11.14
N ALA B 7 -17.45 -13.11 -11.88
CA ALA B 7 -16.01 -13.08 -12.07
C ALA B 7 -15.62 -11.77 -12.72
N ALA B 8 -14.43 -11.29 -12.37
CA ALA B 8 -13.93 -10.05 -12.94
C ALA B 8 -13.08 -10.41 -14.17
N PRO B 9 -13.04 -9.53 -15.16
CA PRO B 9 -12.25 -9.80 -16.35
C PRO B 9 -10.77 -9.58 -16.01
N ALA B 10 -9.87 -10.28 -16.68
CA ALA B 10 -8.45 -10.12 -16.40
C ALA B 10 -7.99 -8.71 -16.75
N ASP B 11 -6.94 -8.24 -16.07
CA ASP B 11 -6.41 -6.91 -16.34
C ASP B 11 -5.79 -6.97 -17.72
N PRO B 12 -6.06 -5.96 -18.56
CA PRO B 12 -5.50 -5.92 -19.92
C PRO B 12 -3.98 -5.87 -19.99
N ILE B 13 -3.34 -5.51 -18.88
CA ILE B 13 -1.89 -5.44 -18.83
C ILE B 13 -1.30 -6.55 -17.98
N LEU B 14 -1.58 -6.51 -16.68
CA LEU B 14 -1.08 -7.52 -15.75
C LEU B 14 -1.60 -8.92 -16.09
N GLY B 15 -2.74 -8.99 -16.77
CA GLY B 15 -3.27 -10.29 -17.13
C GLY B 15 -2.30 -11.03 -18.03
N LEU B 16 -1.91 -10.40 -19.14
CA LEU B 16 -0.97 -10.99 -20.10
C LEU B 16 0.25 -11.62 -19.43
N ALA B 17 0.69 -11.02 -18.33
CA ALA B 17 1.86 -11.52 -17.62
C ALA B 17 1.69 -12.98 -17.25
N ASP B 18 0.48 -13.36 -16.85
CA ASP B 18 0.20 -14.74 -16.47
C ASP B 18 0.15 -15.65 -17.69
N LEU B 19 -0.45 -15.16 -18.77
CA LEU B 19 -0.55 -15.93 -20.01
C LEU B 19 0.86 -16.22 -20.49
N PHE B 20 1.67 -15.17 -20.56
CA PHE B 20 3.04 -15.31 -21.01
C PHE B 20 3.80 -16.33 -20.15
N ARG B 21 3.67 -16.21 -18.83
CA ARG B 21 4.35 -17.13 -17.92
C ARG B 21 3.94 -18.58 -18.18
N ALA B 22 2.69 -18.78 -18.59
CA ALA B 22 2.20 -20.12 -18.84
C ALA B 22 2.60 -20.72 -20.19
N ASP B 23 2.62 -19.90 -21.24
CA ASP B 23 2.96 -20.35 -22.58
C ASP B 23 4.15 -21.31 -22.59
N GLU B 24 4.00 -22.43 -23.29
CA GLU B 24 5.05 -23.44 -23.38
C GLU B 24 6.07 -23.25 -24.50
N ARG B 25 5.75 -22.39 -25.48
CA ARG B 25 6.67 -22.14 -26.58
C ARG B 25 8.01 -21.64 -26.03
N PRO B 26 9.12 -22.29 -26.42
CA PRO B 26 10.42 -21.86 -25.92
C PRO B 26 10.86 -20.48 -26.43
N GLY B 27 10.36 -20.08 -27.60
CA GLY B 27 10.74 -18.79 -28.15
C GLY B 27 9.79 -17.62 -27.92
N LYS B 28 9.01 -17.65 -26.84
CA LYS B 28 8.06 -16.58 -26.54
C LYS B 28 8.75 -15.22 -26.40
N ILE B 29 8.05 -14.16 -26.76
CA ILE B 29 8.58 -12.81 -26.63
C ILE B 29 7.57 -11.93 -25.88
N ASN B 30 7.99 -11.34 -24.77
CA ASN B 30 7.13 -10.50 -23.95
C ASN B 30 7.35 -9.01 -24.20
N LEU B 31 6.38 -8.38 -24.84
CA LEU B 31 6.44 -6.96 -25.14
C LEU B 31 5.21 -6.30 -24.52
N GLY B 32 4.72 -6.88 -23.42
CA GLY B 32 3.54 -6.36 -22.75
C GLY B 32 3.81 -5.33 -21.67
N ILE B 33 3.97 -5.79 -20.43
CA ILE B 33 4.22 -4.91 -19.30
C ILE B 33 5.43 -4.00 -19.49
N GLY B 34 5.27 -2.74 -19.10
CA GLY B 34 6.33 -1.77 -19.21
C GLY B 34 7.45 -1.95 -18.20
N VAL B 35 8.27 -2.96 -18.44
CA VAL B 35 9.42 -3.26 -17.58
C VAL B 35 10.69 -3.25 -18.44
N TYR B 36 11.74 -2.63 -17.93
CA TYR B 36 13.00 -2.55 -18.66
C TYR B 36 13.77 -3.87 -18.65
N LYS B 37 14.47 -4.11 -19.76
CA LYS B 37 15.28 -5.31 -19.89
C LYS B 37 16.62 -4.86 -20.45
N ASP B 38 17.71 -5.50 -20.04
CA ASP B 38 19.01 -5.12 -20.58
C ASP B 38 19.24 -5.91 -21.86
N GLU B 39 20.39 -5.71 -22.51
CA GLU B 39 20.68 -6.41 -23.77
C GLU B 39 20.55 -7.93 -23.67
N THR B 40 20.59 -8.47 -22.46
CA THR B 40 20.46 -9.91 -22.28
C THR B 40 19.01 -10.35 -22.08
N GLY B 41 18.10 -9.38 -22.05
CA GLY B 41 16.69 -9.73 -21.88
C GLY B 41 16.27 -9.94 -20.43
N LYS B 42 17.11 -9.47 -19.49
CA LYS B 42 16.83 -9.59 -18.07
C LYS B 42 16.43 -8.24 -17.50
N THR B 43 15.73 -8.26 -16.36
CA THR B 43 15.32 -7.03 -15.67
C THR B 43 16.15 -7.03 -14.39
N PRO B 44 17.40 -6.56 -14.49
CA PRO B 44 18.30 -6.52 -13.35
C PRO B 44 17.95 -5.49 -12.27
N VAL B 45 18.66 -5.59 -11.17
CA VAL B 45 18.52 -4.65 -10.07
C VAL B 45 19.69 -3.71 -10.35
N LEU B 46 19.45 -2.40 -10.37
CA LEU B 46 20.51 -1.44 -10.63
C LEU B 46 21.63 -1.61 -9.61
N THR B 47 22.85 -1.26 -10.01
CA THR B 47 24.00 -1.37 -9.13
C THR B 47 23.88 -0.35 -7.99
N SER B 48 23.37 0.84 -8.31
CA SER B 48 23.19 1.87 -7.31
C SER B 48 22.24 1.33 -6.23
N VAL B 49 21.17 0.68 -6.68
CA VAL B 49 20.18 0.11 -5.78
C VAL B 49 20.76 -1.02 -4.92
N LYS B 50 21.51 -1.92 -5.52
CA LYS B 50 22.12 -3.01 -4.77
C LYS B 50 23.05 -2.51 -3.67
N LYS B 51 23.83 -1.47 -3.98
CA LYS B 51 24.75 -0.91 -3.00
C LYS B 51 23.96 -0.25 -1.86
N ALA B 52 22.91 0.47 -2.22
CA ALA B 52 22.08 1.11 -1.21
C ALA B 52 21.46 0.07 -0.28
N GLU B 53 21.01 -1.06 -0.83
CA GLU B 53 20.41 -2.10 -0.01
C GLU B 53 21.41 -2.72 0.96
N GLN B 54 22.67 -2.75 0.56
CA GLN B 54 23.74 -3.29 1.39
C GLN B 54 23.96 -2.34 2.59
N TYR B 55 23.86 -1.04 2.33
CA TYR B 55 24.01 -0.04 3.38
C TYR B 55 22.89 -0.26 4.41
N LEU B 56 21.65 -0.35 3.91
CA LEU B 56 20.49 -0.55 4.78
C LEU B 56 20.63 -1.80 5.63
N LEU B 57 20.95 -2.93 5.00
CA LEU B 57 21.09 -4.17 5.74
C LEU B 57 22.11 -4.01 6.84
N GLU B 58 23.17 -3.25 6.57
CA GLU B 58 24.24 -3.04 7.54
C GLU B 58 23.96 -1.99 8.59
N ASN B 59 23.12 -1.01 8.28
CA ASN B 59 22.87 0.04 9.24
C ASN B 59 21.48 0.16 9.87
N GLU B 60 20.50 -0.57 9.34
CA GLU B 60 19.15 -0.50 9.91
C GLU B 60 19.15 -1.12 11.29
N THR B 61 18.62 -0.38 12.27
CA THR B 61 18.55 -0.87 13.65
C THR B 61 17.12 -1.18 14.08
N THR B 62 16.14 -0.67 13.33
CA THR B 62 14.74 -0.92 13.69
C THR B 62 13.83 -0.86 12.47
N LYS B 63 12.65 -1.46 12.57
CA LYS B 63 11.67 -1.43 11.49
C LYS B 63 10.43 -0.69 12.00
N ASN B 64 10.64 0.15 13.00
CA ASN B 64 9.57 0.92 13.61
C ASN B 64 8.80 1.75 12.58
N TYR B 65 7.48 1.81 12.73
CA TYR B 65 6.61 2.57 11.83
C TYR B 65 7.19 3.90 11.35
N LEU B 66 6.98 4.16 10.07
CA LEU B 66 7.50 5.36 9.43
C LEU B 66 6.81 6.68 9.74
N GLY B 67 5.50 6.73 9.60
CA GLY B 67 4.81 7.98 9.80
C GLY B 67 3.95 8.06 8.57
N ILE B 68 2.68 8.41 8.75
CA ILE B 68 1.73 8.45 7.64
C ILE B 68 2.27 8.93 6.30
N ASP B 69 3.03 10.02 6.32
CA ASP B 69 3.58 10.57 5.08
C ASP B 69 4.94 10.03 4.68
N GLY B 70 5.48 9.10 5.46
CA GLY B 70 6.76 8.48 5.15
C GLY B 70 8.05 9.20 5.51
N ILE B 71 9.14 8.78 4.88
CA ILE B 71 10.45 9.34 5.13
C ILE B 71 10.53 10.79 4.65
N PRO B 72 10.85 11.72 5.56
CA PRO B 72 10.97 13.15 5.26
C PRO B 72 11.92 13.47 4.10
N GLU B 73 13.13 12.93 4.17
CA GLU B 73 14.12 13.15 3.13
C GLU B 73 13.55 12.75 1.78
N PHE B 74 12.89 11.61 1.75
CA PHE B 74 12.28 11.12 0.51
C PHE B 74 11.40 12.23 -0.04
N GLY B 75 10.57 12.82 0.82
CA GLY B 75 9.67 13.87 0.38
C GLY B 75 10.39 15.08 -0.18
N ARG B 76 11.51 15.44 0.45
CA ARG B 76 12.28 16.60 0.01
C ARG B 76 12.99 16.34 -1.32
N CYS B 77 13.55 15.15 -1.47
CA CYS B 77 14.23 14.80 -2.71
C CYS B 77 13.30 14.73 -3.92
N THR B 78 12.07 14.23 -3.76
CA THR B 78 11.18 14.17 -4.91
C THR B 78 10.66 15.56 -5.32
N GLN B 79 10.58 16.48 -4.37
CA GLN B 79 10.11 17.82 -4.72
C GLN B 79 11.18 18.57 -5.53
N GLU B 80 12.45 18.36 -5.20
CA GLU B 80 13.53 19.01 -5.94
C GLU B 80 13.60 18.45 -7.36
N LEU B 81 13.41 17.13 -7.47
CA LEU B 81 13.43 16.46 -8.77
C LEU B 81 12.28 16.96 -9.63
N LEU B 82 11.14 17.18 -8.99
CA LEU B 82 9.94 17.64 -9.69
C LEU B 82 9.92 19.13 -9.99
N PHE B 83 10.30 19.94 -9.00
CA PHE B 83 10.26 21.38 -9.16
C PHE B 83 11.60 22.08 -9.36
N GLY B 84 12.70 21.47 -8.91
CA GLY B 84 14.00 22.10 -9.06
C GLY B 84 14.56 22.58 -7.73
N LYS B 85 15.83 22.29 -7.50
CA LYS B 85 16.52 22.65 -6.24
C LYS B 85 16.11 23.97 -5.61
N GLY B 86 16.12 25.04 -6.39
CA GLY B 86 15.75 26.33 -5.84
C GLY B 86 14.39 26.83 -6.30
N SER B 87 13.39 25.98 -6.20
CA SER B 87 12.04 26.35 -6.64
C SER B 87 11.33 27.21 -5.60
N ALA B 88 10.45 28.08 -6.09
CA ALA B 88 9.68 28.97 -5.23
C ALA B 88 8.65 28.19 -4.43
N LEU B 89 8.14 27.11 -5.02
CA LEU B 89 7.17 26.27 -4.34
C LEU B 89 7.80 25.68 -3.10
N ILE B 90 9.09 25.38 -3.19
CA ILE B 90 9.79 24.81 -2.06
C ILE B 90 10.11 25.86 -1.01
N ASN B 91 10.72 26.95 -1.43
CA ASN B 91 11.08 28.03 -0.52
C ASN B 91 9.84 28.63 0.15
N ASP B 92 8.78 28.80 -0.62
CA ASP B 92 7.54 29.34 -0.08
C ASP B 92 6.72 28.29 0.66
N LYS B 93 7.28 27.09 0.77
CA LYS B 93 6.64 25.97 1.46
C LYS B 93 5.18 25.75 1.04
N ARG B 94 4.91 25.77 -0.26
CA ARG B 94 3.57 25.56 -0.77
C ARG B 94 3.29 24.09 -1.09
N ALA B 95 4.29 23.23 -0.96
CA ALA B 95 4.12 21.83 -1.31
C ALA B 95 4.32 20.81 -0.19
N ARG B 96 3.47 19.80 -0.17
CA ARG B 96 3.58 18.73 0.82
C ARG B 96 3.59 17.41 0.04
N THR B 97 4.50 16.52 0.40
CA THR B 97 4.60 15.24 -0.29
C THR B 97 4.43 14.03 0.62
N ALA B 98 3.59 13.10 0.20
CA ALA B 98 3.40 11.87 0.97
C ALA B 98 4.01 10.71 0.18
N GLN B 99 4.76 9.87 0.88
CA GLN B 99 5.38 8.70 0.27
C GLN B 99 4.23 7.70 0.09
N THR B 100 4.09 7.12 -1.09
CA THR B 100 3.01 6.17 -1.35
C THR B 100 3.48 4.85 -1.96
N PRO B 101 2.64 3.82 -1.91
CA PRO B 101 3.03 2.53 -2.49
C PRO B 101 2.86 2.52 -4.00
N GLY B 102 3.89 3.03 -4.68
CA GLY B 102 3.88 3.09 -6.12
C GLY B 102 3.10 4.29 -6.63
N GLY B 103 3.20 4.53 -7.93
CA GLY B 103 2.47 5.63 -8.51
C GLY B 103 0.98 5.34 -8.46
N THR B 104 0.62 4.08 -8.60
CA THR B 104 -0.78 3.70 -8.56
C THR B 104 -1.36 4.13 -7.20
N GLY B 105 -0.62 3.84 -6.14
CA GLY B 105 -1.05 4.22 -4.80
C GLY B 105 -1.19 5.73 -4.68
N ALA B 106 -0.25 6.46 -5.28
CA ALA B 106 -0.29 7.91 -5.27
C ALA B 106 -1.58 8.41 -5.94
N LEU B 107 -1.97 7.74 -7.03
CA LEU B 107 -3.17 8.11 -7.75
C LEU B 107 -4.43 7.85 -6.91
N ARG B 108 -4.47 6.70 -6.24
CA ARG B 108 -5.63 6.36 -5.42
C ARG B 108 -5.81 7.31 -4.23
N VAL B 109 -4.72 7.66 -3.53
CA VAL B 109 -4.84 8.56 -2.39
C VAL B 109 -5.34 9.93 -2.85
N ALA B 110 -4.81 10.41 -3.97
CA ALA B 110 -5.22 11.70 -4.52
C ALA B 110 -6.70 11.62 -4.84
N ALA B 111 -7.12 10.50 -5.42
CA ALA B 111 -8.52 10.30 -5.77
C ALA B 111 -9.41 10.29 -4.52
N ASP B 112 -8.98 9.56 -3.50
CA ASP B 112 -9.75 9.48 -2.25
C ASP B 112 -9.77 10.86 -1.59
N PHE B 113 -8.62 11.52 -1.58
CA PHE B 113 -8.51 12.85 -0.98
C PHE B 113 -9.52 13.80 -1.61
N LEU B 114 -9.59 13.79 -2.94
CA LEU B 114 -10.51 14.65 -3.68
C LEU B 114 -11.98 14.33 -3.49
N ALA B 115 -12.34 13.07 -3.58
CA ALA B 115 -13.73 12.65 -3.45
C ALA B 115 -14.31 12.88 -2.06
N LYS B 116 -13.48 12.76 -1.03
CA LYS B 116 -13.94 12.93 0.34
C LYS B 116 -13.82 14.34 0.94
N ASN B 117 -13.07 15.23 0.30
CA ASN B 117 -12.85 16.56 0.87
C ASN B 117 -13.14 17.76 -0.02
N THR B 118 -13.54 17.52 -1.26
CA THR B 118 -13.83 18.63 -2.15
C THR B 118 -15.15 18.39 -2.86
N SER B 119 -15.44 19.25 -3.81
CA SER B 119 -16.67 19.15 -4.58
C SER B 119 -16.44 18.45 -5.92
N VAL B 120 -15.18 18.17 -6.25
CA VAL B 120 -14.85 17.50 -7.51
C VAL B 120 -15.82 16.37 -7.85
N LYS B 121 -16.30 16.35 -9.09
CA LYS B 121 -17.24 15.34 -9.52
C LYS B 121 -16.65 14.40 -10.59
N ARG B 122 -15.94 14.96 -11.55
CA ARG B 122 -15.35 14.12 -12.61
C ARG B 122 -13.89 14.43 -12.90
N VAL B 123 -13.23 13.46 -13.51
CA VAL B 123 -11.83 13.58 -13.88
C VAL B 123 -11.67 13.39 -15.39
N TRP B 124 -10.87 14.24 -16.02
CA TRP B 124 -10.64 14.16 -17.46
C TRP B 124 -9.34 13.41 -17.76
N VAL B 125 -9.46 12.38 -18.59
CA VAL B 125 -8.31 11.56 -18.96
C VAL B 125 -8.10 11.49 -20.48
N SER B 126 -6.85 11.52 -20.90
CA SER B 126 -6.55 11.46 -22.32
C SER B 126 -7.11 10.18 -22.94
N ASN B 127 -7.43 10.27 -24.22
CA ASN B 127 -7.95 9.13 -24.97
C ASN B 127 -6.98 8.95 -26.14
N PRO B 128 -6.20 7.86 -26.14
CA PRO B 128 -6.14 6.78 -25.15
C PRO B 128 -5.32 7.14 -23.91
N SER B 129 -5.20 6.19 -23.00
CA SER B 129 -4.43 6.40 -21.77
C SER B 129 -4.21 5.07 -21.07
N TRP B 130 -3.41 5.08 -20.01
CA TRP B 130 -3.17 3.88 -19.22
C TRP B 130 -4.55 3.42 -18.75
N PRO B 131 -4.94 2.18 -19.08
CA PRO B 131 -6.23 1.59 -18.71
C PRO B 131 -6.65 1.72 -17.24
N ASN B 132 -5.69 1.63 -16.33
CA ASN B 132 -5.99 1.69 -14.91
C ASN B 132 -6.46 3.04 -14.39
N HIS B 133 -6.20 4.11 -15.14
CA HIS B 133 -6.63 5.45 -14.74
C HIS B 133 -8.13 5.51 -14.45
N LYS B 134 -8.92 4.92 -15.34
CA LYS B 134 -10.37 4.92 -15.17
C LYS B 134 -10.79 4.13 -13.93
N SER B 135 -10.15 2.98 -13.69
CA SER B 135 -10.47 2.12 -12.55
C SER B 135 -10.17 2.77 -11.21
N VAL B 136 -9.03 3.42 -11.12
CA VAL B 136 -8.62 4.10 -9.89
C VAL B 136 -9.61 5.22 -9.53
N PHE B 137 -9.93 6.07 -10.50
CA PHE B 137 -10.84 7.17 -10.22
C PHE B 137 -12.28 6.71 -10.01
N ASN B 138 -12.76 5.75 -10.80
CA ASN B 138 -14.12 5.26 -10.60
C ASN B 138 -14.26 4.60 -9.22
N SER B 139 -13.20 3.98 -8.72
CA SER B 139 -13.24 3.33 -7.43
C SER B 139 -13.44 4.31 -6.28
N ALA B 140 -12.89 5.50 -6.45
CA ALA B 140 -13.00 6.54 -5.44
C ALA B 140 -14.32 7.28 -5.64
N GLY B 141 -15.15 6.78 -6.55
CA GLY B 141 -16.44 7.40 -6.81
C GLY B 141 -16.43 8.58 -7.76
N LEU B 142 -15.31 8.86 -8.40
CA LEU B 142 -15.25 9.96 -9.32
C LEU B 142 -15.63 9.57 -10.75
N GLU B 143 -16.36 10.46 -11.41
CA GLU B 143 -16.82 10.28 -12.78
C GLU B 143 -15.59 10.52 -13.68
N VAL B 144 -15.45 9.73 -14.75
CA VAL B 144 -14.30 9.89 -15.65
C VAL B 144 -14.68 10.33 -17.05
N ARG B 145 -14.00 11.38 -17.54
CA ARG B 145 -14.25 11.91 -18.88
C ARG B 145 -13.00 11.85 -19.74
N GLU B 146 -13.18 11.59 -21.04
CA GLU B 146 -12.06 11.48 -21.95
C GLU B 146 -11.93 12.63 -22.94
N TYR B 147 -10.71 13.12 -23.12
CA TYR B 147 -10.46 14.19 -24.08
C TYR B 147 -9.57 13.69 -25.21
N ALA B 148 -9.85 14.18 -26.43
CA ALA B 148 -9.09 13.79 -27.63
C ALA B 148 -7.61 14.04 -27.43
N TYR B 149 -6.77 13.30 -28.14
CA TYR B 149 -5.33 13.46 -27.97
C TYR B 149 -4.48 12.96 -29.14
N TYR B 150 -4.72 11.73 -29.56
CA TYR B 150 -3.94 11.10 -30.62
C TYR B 150 -4.54 11.10 -32.02
N ASP B 151 -3.72 11.49 -32.99
CA ASP B 151 -4.10 11.51 -34.40
C ASP B 151 -3.57 10.19 -34.98
N ALA B 152 -4.44 9.18 -35.08
CA ALA B 152 -4.03 7.87 -35.59
C ALA B 152 -3.62 7.89 -37.06
N GLU B 153 -4.04 8.91 -37.79
CA GLU B 153 -3.70 9.02 -39.20
C GLU B 153 -2.27 9.51 -39.34
N ASN B 154 -1.99 10.69 -38.80
CA ASN B 154 -0.66 11.27 -38.88
C ASN B 154 0.23 10.81 -37.73
N HIS B 155 -0.29 9.90 -36.91
CA HIS B 155 0.47 9.38 -35.77
C HIS B 155 1.10 10.53 -35.01
N THR B 156 0.30 11.55 -34.73
CA THR B 156 0.79 12.72 -34.01
C THR B 156 -0.25 13.19 -33.01
N LEU B 157 0.09 14.23 -32.24
CA LEU B 157 -0.83 14.77 -31.26
C LEU B 157 -1.78 15.74 -31.93
N ASP B 158 -3.09 15.51 -31.78
CA ASP B 158 -4.08 16.39 -32.38
C ASP B 158 -4.39 17.53 -31.41
N PHE B 159 -3.50 18.52 -31.36
CA PHE B 159 -3.67 19.67 -30.46
C PHE B 159 -4.99 20.39 -30.63
N ASP B 160 -5.49 20.44 -31.87
CA ASP B 160 -6.75 21.13 -32.12
C ASP B 160 -7.89 20.36 -31.47
N ALA B 161 -7.90 19.05 -31.67
CA ALA B 161 -8.93 18.20 -31.09
C ALA B 161 -8.83 18.18 -29.57
N LEU B 162 -7.60 18.24 -29.06
CA LEU B 162 -7.38 18.21 -27.62
C LEU B 162 -7.98 19.45 -26.95
N ILE B 163 -7.66 20.62 -27.50
CA ILE B 163 -8.15 21.88 -26.96
C ILE B 163 -9.66 22.02 -27.09
N ASN B 164 -10.22 21.55 -28.20
CA ASN B 164 -11.66 21.65 -28.41
C ASN B 164 -12.40 20.70 -27.48
N SER B 165 -11.82 19.53 -27.26
CA SER B 165 -12.43 18.54 -26.38
C SER B 165 -12.47 19.03 -24.94
N LEU B 166 -11.38 19.65 -24.50
CA LEU B 166 -11.29 20.15 -23.13
C LEU B 166 -12.10 21.39 -22.87
N ASN B 167 -12.64 22.01 -23.93
CA ASN B 167 -13.44 23.19 -23.72
C ASN B 167 -14.73 22.83 -23.01
N GLU B 168 -14.99 21.53 -22.88
CA GLU B 168 -16.19 21.06 -22.21
C GLU B 168 -15.92 20.77 -20.73
N ALA B 169 -14.67 20.93 -20.31
CA ALA B 169 -14.31 20.68 -18.92
C ALA B 169 -14.58 21.91 -18.07
N GLN B 170 -15.60 21.82 -17.22
CA GLN B 170 -15.99 22.93 -16.36
C GLN B 170 -14.94 23.26 -15.31
N ALA B 171 -15.09 24.40 -14.65
CA ALA B 171 -14.14 24.80 -13.61
C ALA B 171 -14.40 23.87 -12.43
N GLY B 172 -13.37 23.60 -11.65
CA GLY B 172 -13.54 22.70 -10.52
C GLY B 172 -13.29 21.28 -10.94
N ASP B 173 -13.27 21.04 -12.26
CA ASP B 173 -13.01 19.71 -12.78
C ASP B 173 -11.52 19.44 -12.72
N VAL B 174 -11.15 18.17 -12.64
CA VAL B 174 -9.76 17.76 -12.60
C VAL B 174 -9.36 17.24 -13.99
N VAL B 175 -8.17 17.62 -14.43
CA VAL B 175 -7.67 17.17 -15.73
C VAL B 175 -6.32 16.50 -15.53
N LEU B 176 -6.26 15.23 -15.91
CA LEU B 176 -5.03 14.44 -15.77
C LEU B 176 -4.08 14.58 -16.97
N PHE B 177 -2.82 14.85 -16.67
CA PHE B 177 -1.79 15.01 -17.71
C PHE B 177 -0.61 14.07 -17.42
N HIS B 178 -0.06 13.44 -18.45
CA HIS B 178 1.10 12.59 -18.24
C HIS B 178 2.29 13.54 -18.32
N GLY B 179 3.14 13.52 -17.31
CA GLY B 179 4.29 14.41 -17.30
C GLY B 179 5.16 14.33 -18.54
N CYS B 180 5.39 13.12 -19.02
CA CYS B 180 6.21 12.88 -20.20
C CYS B 180 6.09 11.40 -20.53
N CYS B 181 6.44 11.02 -21.75
CA CYS B 181 6.36 9.63 -22.15
C CYS B 181 4.93 9.17 -21.97
N HIS B 182 4.02 9.79 -22.71
CA HIS B 182 2.61 9.46 -22.65
C HIS B 182 2.42 7.96 -22.88
N ASN B 183 1.55 7.36 -22.08
CA ASN B 183 1.24 5.93 -22.17
C ASN B 183 -0.20 5.87 -22.66
N PRO B 184 -0.46 5.17 -23.78
CA PRO B 184 0.43 4.40 -24.65
C PRO B 184 1.05 5.03 -25.91
N THR B 185 0.68 6.26 -26.26
CA THR B 185 1.17 6.88 -27.49
C THR B 185 2.64 7.29 -27.62
N GLY B 186 3.27 7.67 -26.51
CA GLY B 186 4.67 8.07 -26.59
C GLY B 186 4.86 9.47 -27.14
N ILE B 187 3.76 10.13 -27.50
CA ILE B 187 3.81 11.49 -28.03
C ILE B 187 3.48 12.51 -26.96
N ASP B 188 4.43 13.40 -26.67
CA ASP B 188 4.23 14.44 -25.66
C ASP B 188 4.09 15.84 -26.27
N PRO B 189 3.47 16.76 -25.51
CA PRO B 189 3.30 18.13 -26.00
C PRO B 189 4.67 18.82 -26.00
N THR B 190 4.84 19.82 -26.86
CA THR B 190 6.08 20.58 -26.91
C THR B 190 5.97 21.58 -25.76
N LEU B 191 7.08 22.21 -25.40
CA LEU B 191 7.03 23.17 -24.30
C LEU B 191 5.95 24.21 -24.63
N GLU B 192 5.97 24.70 -25.86
CA GLU B 192 5.00 25.69 -26.33
C GLU B 192 3.58 25.22 -26.07
N GLN B 193 3.30 23.96 -26.41
CA GLN B 193 1.96 23.44 -26.19
C GLN B 193 1.67 23.36 -24.69
N TRP B 194 2.69 23.01 -23.91
CA TRP B 194 2.54 22.94 -22.46
C TRP B 194 2.20 24.35 -21.97
N GLN B 195 2.94 25.34 -22.49
CA GLN B 195 2.76 26.75 -22.14
C GLN B 195 1.29 27.12 -22.27
N THR B 196 0.75 26.83 -23.45
CA THR B 196 -0.64 27.12 -23.76
C THR B 196 -1.59 26.45 -22.78
N LEU B 197 -1.50 25.12 -22.70
CA LEU B 197 -2.36 24.36 -21.81
C LEU B 197 -2.36 24.92 -20.39
N ALA B 198 -1.17 25.25 -19.88
CA ALA B 198 -1.04 25.82 -18.54
C ALA B 198 -1.88 27.09 -18.44
N GLN B 199 -1.70 27.98 -19.41
CA GLN B 199 -2.45 29.24 -19.43
C GLN B 199 -3.94 28.97 -19.57
N LEU B 200 -4.31 28.11 -20.50
CA LEU B 200 -5.72 27.78 -20.69
C LEU B 200 -6.31 27.14 -19.44
N SER B 201 -5.47 26.43 -18.70
CA SER B 201 -5.91 25.76 -17.49
C SER B 201 -6.28 26.74 -16.38
N VAL B 202 -5.43 27.72 -16.12
CA VAL B 202 -5.70 28.71 -15.08
C VAL B 202 -6.95 29.52 -15.44
N GLU B 203 -7.06 29.89 -16.72
CA GLU B 203 -8.20 30.66 -17.19
C GLU B 203 -9.49 29.85 -17.14
N LYS B 204 -9.41 28.58 -17.53
CA LYS B 204 -10.59 27.72 -17.54
C LYS B 204 -10.95 27.26 -16.12
N GLY B 205 -10.00 27.40 -15.20
CA GLY B 205 -10.25 27.01 -13.82
C GLY B 205 -10.22 25.52 -13.53
N TRP B 206 -9.22 24.82 -14.07
CA TRP B 206 -9.11 23.38 -13.82
C TRP B 206 -8.13 23.10 -12.70
N LEU B 207 -8.23 21.89 -12.15
CA LEU B 207 -7.32 21.44 -11.10
C LEU B 207 -6.45 20.42 -11.84
N PRO B 208 -5.19 20.78 -12.10
CA PRO B 208 -4.26 19.90 -12.81
C PRO B 208 -3.74 18.75 -11.96
N LEU B 209 -3.79 17.54 -12.51
CA LEU B 209 -3.29 16.35 -11.85
C LEU B 209 -2.29 15.69 -12.78
N PHE B 210 -1.02 15.74 -12.41
CA PHE B 210 0.01 15.15 -13.25
C PHE B 210 0.40 13.73 -12.82
N ASP B 211 0.50 12.85 -13.80
CA ASP B 211 0.93 11.47 -13.57
C ASP B 211 2.35 11.47 -14.13
N PHE B 212 3.33 11.34 -13.26
CA PHE B 212 4.72 11.38 -13.67
C PHE B 212 5.39 10.06 -13.35
N ALA B 213 5.21 9.08 -14.22
CA ALA B 213 5.78 7.76 -13.99
C ALA B 213 7.07 7.46 -14.77
N TYR B 214 7.49 8.39 -15.63
CA TYR B 214 8.66 8.17 -16.48
C TYR B 214 9.70 9.28 -16.53
N GLN B 215 9.81 10.08 -15.49
CA GLN B 215 10.78 11.16 -15.50
C GLN B 215 12.17 10.60 -15.75
N GLY B 216 12.81 11.08 -16.82
CA GLY B 216 14.16 10.62 -17.15
C GLY B 216 14.22 9.69 -18.35
N PHE B 217 13.06 9.26 -18.83
CA PHE B 217 13.00 8.37 -19.99
C PHE B 217 12.73 9.07 -21.31
N ALA B 218 12.47 10.37 -21.28
CA ALA B 218 12.21 11.10 -22.51
C ALA B 218 13.50 11.75 -23.01
N ARG B 219 13.97 12.77 -22.30
CA ARG B 219 15.19 13.48 -22.67
C ARG B 219 16.16 13.55 -21.50
N GLY B 220 15.60 13.76 -20.30
CA GLY B 220 16.44 13.83 -19.12
C GLY B 220 15.62 14.23 -17.90
N LEU B 221 16.23 14.16 -16.74
CA LEU B 221 15.57 14.52 -15.49
C LEU B 221 14.93 15.91 -15.54
N GLU B 222 15.76 16.94 -15.58
CA GLU B 222 15.26 18.31 -15.62
C GLU B 222 14.34 18.56 -16.81
N GLU B 223 14.81 18.17 -17.98
CA GLU B 223 14.08 18.36 -19.23
C GLU B 223 12.67 17.78 -19.24
N ASP B 224 12.51 16.58 -18.69
CA ASP B 224 11.20 15.93 -18.66
C ASP B 224 10.19 16.61 -17.73
N ALA B 225 10.68 17.44 -16.83
CA ALA B 225 9.80 18.13 -15.89
C ALA B 225 9.26 19.46 -16.43
N GLU B 226 9.87 19.96 -17.51
CA GLU B 226 9.47 21.23 -18.12
C GLU B 226 7.96 21.48 -18.15
N GLY B 227 7.20 20.54 -18.69
CA GLY B 227 5.76 20.70 -18.75
C GLY B 227 5.17 20.99 -17.39
N LEU B 228 5.58 20.20 -16.40
CA LEU B 228 5.08 20.37 -15.03
C LEU B 228 5.50 21.71 -14.46
N ARG B 229 6.77 22.05 -14.62
CA ARG B 229 7.30 23.30 -14.10
C ARG B 229 6.57 24.49 -14.72
N ALA B 230 6.04 24.30 -15.92
CA ALA B 230 5.29 25.36 -16.60
C ALA B 230 3.96 25.61 -15.88
N PHE B 231 3.28 24.54 -15.50
CA PHE B 231 2.02 24.66 -14.78
C PHE B 231 2.27 25.18 -13.36
N ALA B 232 3.36 24.70 -12.76
CA ALA B 232 3.74 25.07 -11.40
C ALA B 232 3.93 26.57 -11.23
N ALA B 233 4.55 27.20 -12.22
CA ALA B 233 4.80 28.63 -12.16
C ALA B 233 3.53 29.45 -12.38
N MET B 234 2.47 28.79 -12.82
CA MET B 234 1.23 29.49 -13.11
C MET B 234 0.07 29.21 -12.15
N HIS B 235 -0.11 27.96 -11.74
CA HIS B 235 -1.21 27.59 -10.85
C HIS B 235 -0.99 27.76 -9.37
N LYS B 236 -2.08 27.92 -8.65
CA LYS B 236 -2.06 28.07 -7.21
C LYS B 236 -2.18 26.68 -6.60
N GLU B 237 -2.98 25.83 -7.25
CA GLU B 237 -3.19 24.47 -6.77
C GLU B 237 -2.98 23.40 -7.85
N LEU B 238 -2.35 22.30 -7.45
CA LEU B 238 -2.13 21.19 -8.36
C LEU B 238 -1.68 19.94 -7.59
N ILE B 239 -1.87 18.78 -8.21
CA ILE B 239 -1.49 17.51 -7.62
C ILE B 239 -0.61 16.72 -8.58
N VAL B 240 0.44 16.12 -8.06
CA VAL B 240 1.31 15.31 -8.89
C VAL B 240 1.54 13.95 -8.25
N ALA B 241 1.18 12.90 -9.00
CA ALA B 241 1.38 11.53 -8.56
C ALA B 241 2.55 11.01 -9.37
N SER B 242 3.67 10.73 -8.71
CA SER B 242 4.84 10.25 -9.40
C SER B 242 5.21 8.82 -9.01
N SER B 243 6.08 8.19 -9.80
CA SER B 243 6.51 6.82 -9.55
C SER B 243 8.01 6.66 -9.70
N TYR B 244 8.58 5.77 -8.91
CA TYR B 244 10.02 5.49 -8.97
C TYR B 244 10.21 4.06 -9.46
N SER B 245 9.11 3.40 -9.80
CA SER B 245 9.15 2.03 -10.29
C SER B 245 10.12 1.83 -11.46
N LYS B 246 9.99 2.67 -12.48
CA LYS B 246 10.85 2.54 -13.66
C LYS B 246 12.23 3.18 -13.61
N ASN B 247 12.31 4.47 -13.29
CA ASN B 247 13.62 5.11 -13.28
C ASN B 247 14.61 4.59 -12.24
N PHE B 248 14.12 3.73 -11.34
CA PHE B 248 14.98 3.12 -10.32
C PHE B 248 14.91 1.59 -10.42
N GLY B 249 14.03 1.09 -11.29
CA GLY B 249 13.89 -0.35 -11.43
C GLY B 249 13.45 -0.99 -10.12
N LEU B 250 12.59 -0.31 -9.38
CA LEU B 250 12.12 -0.80 -8.08
C LEU B 250 10.64 -1.18 -8.12
N TYR B 251 10.20 -1.69 -9.26
CA TYR B 251 8.81 -2.09 -9.49
C TYR B 251 8.08 -2.70 -8.31
N ASN B 252 8.54 -3.86 -7.86
CA ASN B 252 7.87 -4.58 -6.77
C ASN B 252 8.05 -4.05 -5.36
N GLU B 253 8.84 -2.99 -5.18
CA GLU B 253 9.01 -2.44 -3.84
C GLU B 253 7.97 -1.34 -3.59
N ARG B 254 7.22 -1.01 -4.62
CA ARG B 254 6.15 -0.01 -4.55
C ARG B 254 6.58 1.35 -3.98
N VAL B 255 7.31 2.12 -4.79
CA VAL B 255 7.82 3.41 -4.37
C VAL B 255 7.22 4.51 -5.24
N GLY B 256 6.39 5.36 -4.64
CA GLY B 256 5.78 6.44 -5.38
C GLY B 256 5.62 7.64 -4.46
N ALA B 257 4.96 8.68 -4.94
CA ALA B 257 4.75 9.87 -4.13
C ALA B 257 3.58 10.67 -4.65
N CYS B 258 2.86 11.31 -3.72
CA CYS B 258 1.73 12.16 -4.07
C CYS B 258 2.03 13.54 -3.50
N THR B 259 2.23 14.52 -4.38
CA THR B 259 2.54 15.88 -3.95
C THR B 259 1.39 16.85 -4.12
N LEU B 260 1.06 17.51 -3.02
CA LEU B 260 -0.04 18.47 -2.98
C LEU B 260 0.52 19.89 -3.03
N VAL B 261 -0.07 20.72 -3.87
CA VAL B 261 0.36 22.11 -3.97
C VAL B 261 -0.85 23.01 -3.75
N ALA B 262 -0.71 23.97 -2.83
CA ALA B 262 -1.78 24.92 -2.52
C ALA B 262 -1.26 26.35 -2.71
N ALA B 263 -2.12 27.33 -2.52
CA ALA B 263 -1.75 28.74 -2.68
C ALA B 263 -0.70 29.21 -1.68
N ASP B 264 -0.84 28.77 -0.43
CA ASP B 264 0.11 29.16 0.61
C ASP B 264 0.40 28.02 1.56
N SER B 265 1.34 28.25 2.47
CA SER B 265 1.75 27.24 3.43
C SER B 265 0.65 26.80 4.42
N GLU B 266 -0.25 27.70 4.76
CA GLU B 266 -1.32 27.39 5.69
C GLU B 266 -2.38 26.49 5.06
N THR B 267 -2.73 26.80 3.81
CA THR B 267 -3.72 26.04 3.09
C THR B 267 -3.27 24.61 2.75
N VAL B 268 -2.01 24.46 2.36
CA VAL B 268 -1.50 23.13 2.00
C VAL B 268 -1.44 22.21 3.22
N ASP B 269 -0.95 22.73 4.35
CA ASP B 269 -0.86 21.94 5.56
C ASP B 269 -2.25 21.52 6.03
N ARG B 270 -3.22 22.41 5.88
CA ARG B 270 -4.59 22.12 6.28
C ARG B 270 -5.14 21.00 5.39
N ALA B 271 -4.94 21.14 4.08
CA ALA B 271 -5.42 20.15 3.13
C ALA B 271 -4.66 18.82 3.28
N PHE B 272 -3.35 18.92 3.49
CA PHE B 272 -2.53 17.73 3.65
C PHE B 272 -2.96 16.90 4.84
N SER B 273 -3.56 17.52 5.85
CA SER B 273 -3.99 16.77 7.03
C SER B 273 -5.10 15.80 6.67
N GLN B 274 -5.91 16.15 5.68
CA GLN B 274 -6.98 15.28 5.23
C GLN B 274 -6.40 14.20 4.33
N MET B 275 -5.31 14.52 3.63
CA MET B 275 -4.70 13.51 2.76
C MET B 275 -4.11 12.43 3.65
N LYS B 276 -3.49 12.84 4.76
CA LYS B 276 -2.92 11.88 5.69
C LYS B 276 -4.05 11.01 6.27
N ALA B 277 -5.23 11.62 6.45
CA ALA B 277 -6.38 10.88 6.97
C ALA B 277 -6.82 9.84 5.95
N ALA B 278 -6.81 10.23 4.68
CA ALA B 278 -7.19 9.33 3.59
C ALA B 278 -6.24 8.13 3.57
N ILE B 279 -4.95 8.39 3.80
CA ILE B 279 -3.92 7.35 3.83
C ILE B 279 -4.08 6.43 5.04
N ARG B 280 -4.28 7.04 6.21
CA ARG B 280 -4.45 6.29 7.43
C ARG B 280 -5.58 5.25 7.32
N ALA B 281 -6.65 5.60 6.61
CA ALA B 281 -7.79 4.68 6.42
C ALA B 281 -7.59 3.72 5.25
N ASN B 282 -6.42 3.78 4.62
CA ASN B 282 -6.13 2.92 3.49
C ASN B 282 -5.11 1.84 3.87
N TYR B 283 -3.84 2.23 4.00
CA TYR B 283 -2.78 1.29 4.35
C TYR B 283 -1.97 1.76 5.58
N SER B 284 -2.50 2.75 6.29
CA SER B 284 -1.92 3.32 7.50
C SER B 284 -0.63 4.12 7.31
N ASN B 285 0.43 3.45 6.88
CA ASN B 285 1.71 4.08 6.62
C ASN B 285 2.40 3.25 5.53
N PRO B 286 3.29 3.88 4.75
CA PRO B 286 4.04 3.32 3.63
C PRO B 286 5.20 2.36 3.88
N PRO B 287 5.46 1.44 2.92
CA PRO B 287 6.55 0.46 3.03
C PRO B 287 7.88 1.21 2.95
N ALA B 288 8.77 0.91 3.89
CA ALA B 288 10.05 1.60 3.97
C ALA B 288 11.20 1.20 3.05
N HIS B 289 11.34 -0.09 2.76
CA HIS B 289 12.48 -0.53 1.95
C HIS B 289 12.77 0.19 0.64
N GLY B 290 11.77 0.30 -0.22
CA GLY B 290 11.97 0.96 -1.49
C GLY B 290 12.27 2.44 -1.38
N ALA B 291 11.43 3.14 -0.61
CA ALA B 291 11.59 4.57 -0.40
C ALA B 291 12.94 4.88 0.24
N SER B 292 13.35 4.03 1.16
CA SER B 292 14.64 4.22 1.82
C SER B 292 15.75 4.16 0.80
N VAL B 293 15.73 3.15 -0.06
CA VAL B 293 16.75 3.00 -1.10
C VAL B 293 16.84 4.30 -1.93
N VAL B 294 15.69 4.80 -2.38
CA VAL B 294 15.66 6.02 -3.19
C VAL B 294 16.25 7.22 -2.44
N ALA B 295 15.85 7.38 -1.19
CA ALA B 295 16.33 8.50 -0.38
C ALA B 295 17.84 8.48 -0.27
N THR B 296 18.41 7.36 0.15
CA THR B 296 19.86 7.29 0.31
C THR B 296 20.65 7.48 -0.99
N ILE B 297 20.08 7.07 -2.13
CA ILE B 297 20.76 7.24 -3.41
C ILE B 297 20.72 8.71 -3.80
N LEU B 298 19.55 9.32 -3.68
CA LEU B 298 19.37 10.71 -4.02
C LEU B 298 20.12 11.64 -3.08
N SER B 299 20.38 11.15 -1.86
CA SER B 299 21.08 11.93 -0.84
C SER B 299 22.60 11.84 -0.92
N ASN B 300 23.10 10.72 -1.40
CA ASN B 300 24.54 10.51 -1.53
C ASN B 300 24.97 10.89 -2.94
N ASP B 301 25.94 11.79 -3.06
CA ASP B 301 26.40 12.21 -4.38
C ASP B 301 27.10 11.11 -5.17
N ALA B 302 27.93 10.34 -4.48
CA ALA B 302 28.65 9.23 -5.12
C ALA B 302 27.65 8.21 -5.64
N LEU B 303 26.61 7.96 -4.87
CA LEU B 303 25.58 7.00 -5.23
C LEU B 303 24.69 7.63 -6.31
N ARG B 304 24.39 8.91 -6.13
CA ARG B 304 23.57 9.65 -7.09
C ARG B 304 24.17 9.60 -8.49
N ALA B 305 25.46 9.90 -8.58
CA ALA B 305 26.16 9.91 -9.86
C ALA B 305 26.04 8.57 -10.57
N ILE B 306 26.17 7.49 -9.81
CA ILE B 306 26.05 6.14 -10.38
C ILE B 306 24.66 5.96 -10.98
N TRP B 307 23.65 6.21 -10.15
CA TRP B 307 22.26 6.06 -10.59
C TRP B 307 21.98 6.84 -11.86
N GLU B 308 22.35 8.11 -11.90
CA GLU B 308 22.09 8.93 -13.07
C GLU B 308 22.73 8.37 -14.33
N GLN B 309 23.89 7.74 -14.19
CA GLN B 309 24.54 7.15 -15.34
C GLN B 309 23.74 5.92 -15.77
N GLU B 310 23.25 5.16 -14.80
CA GLU B 310 22.45 3.98 -15.08
C GLU B 310 21.16 4.34 -15.80
N LEU B 311 20.54 5.44 -15.38
CA LEU B 311 19.29 5.86 -16.00
C LEU B 311 19.57 6.28 -17.44
N THR B 312 20.68 6.97 -17.64
CA THR B 312 21.07 7.41 -18.98
C THR B 312 21.27 6.22 -19.90
N ASP B 313 21.92 5.17 -19.41
CA ASP B 313 22.15 3.98 -20.22
C ASP B 313 20.83 3.32 -20.60
N MET B 314 19.87 3.34 -19.67
CA MET B 314 18.57 2.74 -19.96
C MET B 314 17.85 3.53 -21.04
N ARG B 315 17.88 4.86 -20.92
CA ARG B 315 17.21 5.71 -21.89
C ARG B 315 17.85 5.52 -23.27
N GLN B 316 19.18 5.47 -23.31
CA GLN B 316 19.89 5.30 -24.56
C GLN B 316 19.72 3.91 -25.19
N ARG B 317 19.64 2.85 -24.38
CA ARG B 317 19.47 1.52 -24.95
C ARG B 317 18.10 1.43 -25.61
N ILE B 318 17.11 2.08 -25.00
CA ILE B 318 15.76 2.06 -25.55
C ILE B 318 15.72 2.78 -26.90
N GLN B 319 16.44 3.90 -26.99
CA GLN B 319 16.50 4.68 -28.22
C GLN B 319 17.15 3.88 -29.34
N ARG B 320 18.20 3.14 -29.00
CA ARG B 320 18.90 2.30 -29.97
C ARG B 320 18.02 1.14 -30.47
N MET B 321 17.14 0.64 -29.60
CA MET B 321 16.24 -0.45 -30.00
C MET B 321 15.16 0.11 -30.89
N ARG B 322 14.75 1.35 -30.61
CA ARG B 322 13.71 2.00 -31.38
C ARG B 322 14.16 2.14 -32.84
N GLN B 323 15.41 2.54 -33.04
CA GLN B 323 15.96 2.69 -34.39
C GLN B 323 16.14 1.32 -35.03
N LEU B 324 16.71 0.39 -34.27
CA LEU B 324 16.95 -0.98 -34.75
C LEU B 324 15.64 -1.62 -35.19
N PHE B 325 14.59 -1.40 -34.40
CA PHE B 325 13.26 -1.92 -34.66
C PHE B 325 12.73 -1.46 -36.02
N VAL B 326 12.74 -0.16 -36.25
CA VAL B 326 12.25 0.39 -37.52
C VAL B 326 13.08 -0.13 -38.70
N ASN B 327 14.39 -0.14 -38.55
CA ASN B 327 15.25 -0.63 -39.63
C ASN B 327 15.03 -2.12 -39.92
N THR B 328 14.87 -2.92 -38.87
CA THR B 328 14.67 -4.35 -39.07
C THR B 328 13.34 -4.67 -39.74
N LEU B 329 12.29 -3.92 -39.40
CA LEU B 329 10.98 -4.17 -40.01
C LEU B 329 11.02 -4.06 -41.54
N GLN B 330 11.72 -3.07 -42.05
CA GLN B 330 11.81 -2.89 -43.50
C GLN B 330 12.62 -4.03 -44.11
N GLU B 331 13.67 -4.43 -43.41
CA GLU B 331 14.52 -5.50 -43.88
C GLU B 331 13.78 -6.84 -43.95
N LYS B 332 12.85 -7.06 -43.02
CA LYS B 332 12.10 -8.30 -43.00
C LYS B 332 10.89 -8.26 -43.93
N GLY B 333 10.79 -7.19 -44.71
CA GLY B 333 9.71 -7.07 -45.68
C GLY B 333 8.48 -6.26 -45.33
N ALA B 334 8.56 -5.39 -44.33
CA ALA B 334 7.40 -4.58 -43.96
C ALA B 334 6.93 -3.72 -45.12
N ASN B 335 5.67 -3.91 -45.51
CA ASN B 335 5.07 -3.18 -46.61
C ASN B 335 4.50 -1.85 -46.12
N ARG B 336 5.17 -1.22 -45.15
CA ARG B 336 4.69 0.04 -44.60
C ARG B 336 5.79 0.84 -43.93
N ASP B 337 5.51 2.14 -43.72
CA ASP B 337 6.47 3.03 -43.09
C ASP B 337 6.21 3.14 -41.59
N PHE B 338 7.19 2.73 -40.79
CA PHE B 338 7.06 2.80 -39.34
C PHE B 338 7.97 3.88 -38.76
N SER B 339 8.36 4.83 -39.60
CA SER B 339 9.23 5.92 -39.17
C SER B 339 8.71 6.66 -37.96
N PHE B 340 7.38 6.83 -37.89
CA PHE B 340 6.74 7.55 -36.80
C PHE B 340 7.16 7.01 -35.44
N ILE B 341 7.58 5.74 -35.41
CA ILE B 341 8.01 5.12 -34.17
C ILE B 341 9.24 5.83 -33.57
N ILE B 342 10.10 6.34 -34.44
CA ILE B 342 11.30 7.03 -34.00
C ILE B 342 10.99 8.32 -33.25
N LYS B 343 9.81 8.89 -33.52
CA LYS B 343 9.41 10.13 -32.88
C LYS B 343 8.77 9.93 -31.50
N GLN B 344 8.49 8.68 -31.15
CA GLN B 344 7.87 8.38 -29.86
C GLN B 344 8.88 8.34 -28.73
N ASN B 345 8.45 8.81 -27.56
CA ASN B 345 9.29 8.88 -26.35
C ASN B 345 8.87 7.83 -25.33
N GLY B 346 9.82 7.39 -24.52
CA GLY B 346 9.50 6.42 -23.48
C GLY B 346 9.86 4.97 -23.77
N MET B 347 9.15 4.06 -23.12
CA MET B 347 9.41 2.65 -23.28
C MET B 347 8.54 1.99 -24.34
N PHE B 348 7.43 2.62 -24.68
CA PHE B 348 6.51 2.04 -25.64
C PHE B 348 6.55 2.61 -27.03
N SER B 349 5.67 2.05 -27.85
CA SER B 349 5.47 2.47 -29.22
C SER B 349 4.07 2.02 -29.58
N PHE B 350 3.27 2.96 -30.07
CA PHE B 350 1.90 2.67 -30.46
C PHE B 350 2.04 2.18 -31.91
N SER B 351 2.26 0.88 -32.06
CA SER B 351 2.47 0.22 -33.35
C SER B 351 1.47 0.47 -34.48
N GLY B 352 0.20 0.53 -34.14
CA GLY B 352 -0.83 0.75 -35.15
C GLY B 352 -1.50 -0.56 -35.51
N LEU B 353 -1.05 -1.64 -34.89
CA LEU B 353 -1.62 -2.96 -35.14
C LEU B 353 -3.01 -3.06 -34.56
N THR B 354 -3.88 -3.81 -35.23
CA THR B 354 -5.25 -4.01 -34.78
C THR B 354 -5.28 -5.11 -33.71
N LYS B 355 -6.40 -5.22 -33.01
CA LYS B 355 -6.54 -6.24 -31.98
C LYS B 355 -6.44 -7.65 -32.54
N GLU B 356 -6.99 -7.86 -33.74
CA GLU B 356 -6.95 -9.18 -34.37
C GLU B 356 -5.52 -9.57 -34.71
N GLN B 357 -4.70 -8.57 -35.04
CA GLN B 357 -3.32 -8.82 -35.38
C GLN B 357 -2.53 -9.12 -34.09
N VAL B 358 -2.76 -8.30 -33.07
CA VAL B 358 -2.09 -8.48 -31.79
C VAL B 358 -2.45 -9.88 -31.29
N LEU B 359 -3.72 -10.23 -31.48
CA LEU B 359 -4.23 -11.53 -31.06
C LEU B 359 -3.49 -12.65 -31.80
N ARG B 360 -3.28 -12.44 -33.10
CA ARG B 360 -2.61 -13.43 -33.93
C ARG B 360 -1.13 -13.57 -33.53
N LEU B 361 -0.50 -12.43 -33.23
CA LEU B 361 0.91 -12.45 -32.84
C LEU B 361 1.14 -13.35 -31.63
N ARG B 362 0.23 -13.28 -30.66
CA ARG B 362 0.35 -14.08 -29.44
C ARG B 362 0.14 -15.56 -29.67
N GLU B 363 -1.01 -15.92 -30.22
CA GLU B 363 -1.35 -17.31 -30.43
C GLU B 363 -0.58 -18.01 -31.54
N GLU B 364 -0.34 -17.31 -32.63
CA GLU B 364 0.36 -17.90 -33.74
C GLU B 364 1.88 -17.85 -33.63
N PHE B 365 2.42 -16.78 -33.06
CA PHE B 365 3.86 -16.63 -32.96
C PHE B 365 4.41 -16.54 -31.54
N GLY B 366 3.53 -16.45 -30.56
CA GLY B 366 3.99 -16.36 -29.19
C GLY B 366 4.62 -15.01 -28.86
N VAL B 367 4.23 -13.96 -29.57
CA VAL B 367 4.76 -12.62 -29.30
C VAL B 367 3.66 -11.88 -28.55
N TYR B 368 3.94 -11.51 -27.30
CA TYR B 368 2.95 -10.85 -26.46
C TYR B 368 2.97 -9.32 -26.41
N ALA B 369 1.86 -8.72 -26.81
CA ALA B 369 1.71 -7.27 -26.79
C ALA B 369 0.31 -6.94 -26.25
N VAL B 370 0.10 -5.69 -25.88
CA VAL B 370 -1.19 -5.26 -25.37
C VAL B 370 -2.19 -5.12 -26.53
N ALA B 371 -3.43 -5.51 -26.29
CA ALA B 371 -4.48 -5.48 -27.31
C ALA B 371 -4.69 -4.14 -28.01
N SER B 372 -4.15 -3.08 -27.44
CA SER B 372 -4.28 -1.74 -28.03
C SER B 372 -3.19 -1.52 -29.08
N GLY B 373 -2.29 -2.49 -29.21
CA GLY B 373 -1.22 -2.37 -30.18
C GLY B 373 0.02 -1.74 -29.55
N ARG B 374 0.00 -1.58 -28.23
CA ARG B 374 1.14 -1.00 -27.51
C ARG B 374 2.24 -2.05 -27.37
N VAL B 375 3.46 -1.66 -27.70
CA VAL B 375 4.57 -2.59 -27.62
C VAL B 375 5.67 -2.00 -26.76
N ASN B 376 6.28 -2.85 -25.94
CA ASN B 376 7.36 -2.41 -25.06
C ASN B 376 8.72 -2.53 -25.75
N VAL B 377 9.22 -1.41 -26.25
CA VAL B 377 10.51 -1.34 -26.93
C VAL B 377 11.63 -1.69 -25.96
N ALA B 378 11.42 -1.39 -24.69
CA ALA B 378 12.44 -1.68 -23.67
C ALA B 378 12.58 -3.19 -23.50
N GLY B 379 11.66 -3.94 -24.08
CA GLY B 379 11.71 -5.38 -23.98
C GLY B 379 12.41 -6.01 -25.17
N MET B 380 12.73 -5.19 -26.17
CA MET B 380 13.41 -5.68 -27.36
C MET B 380 14.93 -5.71 -27.16
N THR B 381 15.55 -6.78 -27.65
CA THR B 381 16.99 -6.95 -27.53
C THR B 381 17.54 -7.33 -28.90
N PRO B 382 18.87 -7.21 -29.08
CA PRO B 382 19.45 -7.57 -30.38
C PRO B 382 19.11 -9.01 -30.77
N ASP B 383 18.99 -9.90 -29.77
CA ASP B 383 18.68 -11.30 -30.03
C ASP B 383 17.23 -11.60 -30.42
N ASN B 384 16.25 -10.90 -29.86
CA ASN B 384 14.85 -11.20 -30.22
C ASN B 384 14.27 -10.29 -31.29
N MET B 385 15.07 -9.33 -31.77
CA MET B 385 14.60 -8.39 -32.78
C MET B 385 14.14 -9.08 -34.07
N ALA B 386 14.98 -9.97 -34.61
CA ALA B 386 14.66 -10.65 -35.86
C ALA B 386 13.37 -11.46 -35.81
N PRO B 387 13.25 -12.42 -34.87
CA PRO B 387 12.05 -13.25 -34.76
C PRO B 387 10.81 -12.38 -34.56
N LEU B 388 10.98 -11.34 -33.75
CA LEU B 388 9.92 -10.39 -33.42
C LEU B 388 9.40 -9.65 -34.66
N CYS B 389 10.32 -9.15 -35.47
CA CYS B 389 9.93 -8.42 -36.67
C CYS B 389 9.35 -9.35 -37.73
N GLU B 390 9.87 -10.56 -37.80
CA GLU B 390 9.36 -11.52 -38.77
C GLU B 390 7.89 -11.82 -38.45
N ALA B 391 7.59 -11.95 -37.17
CA ALA B 391 6.23 -12.23 -36.71
C ALA B 391 5.27 -11.10 -37.08
N ILE B 392 5.71 -9.86 -36.89
CA ILE B 392 4.88 -8.70 -37.21
C ILE B 392 4.57 -8.62 -38.71
N VAL B 393 5.61 -8.75 -39.52
CA VAL B 393 5.45 -8.68 -40.97
C VAL B 393 4.47 -9.73 -41.47
N ALA B 394 4.50 -10.90 -40.83
CA ALA B 394 3.63 -12.02 -41.19
C ALA B 394 2.15 -11.76 -40.94
N VAL B 395 1.82 -10.90 -39.98
CA VAL B 395 0.41 -10.63 -39.70
C VAL B 395 -0.06 -9.32 -40.34
N LEU B 396 0.89 -8.63 -40.98
CA LEU B 396 0.60 -7.35 -41.64
C LEU B 396 -0.29 -7.52 -42.88
N1 PMG C . -5.80 -4.26 13.85
C2 PMG C . -5.48 -4.05 15.25
C2A PMG C . -6.60 -4.60 16.13
C3 PMG C . -4.17 -3.36 15.53
O3 PMG C . -3.97 -3.21 16.84
C4 PMG C . -3.25 -2.91 14.45
C4A PMG C . -1.89 -2.21 14.74
C5 PMG C . -3.77 -3.23 13.07
C6 PMG C . -5.01 -3.87 12.76
C5A PMG C . -3.00 -2.88 11.80
OP4 PMG C . -1.66 -3.16 11.79
P PMG C . -0.65 -2.90 10.59
OP1 PMG C . -0.04 -4.13 10.14
OP2 PMG C . 0.26 -1.88 11.20
OP3 PMG C . -1.43 -2.27 9.42
N PMG C . -1.91 -1.45 16.14
CA PMG C . -0.84 -0.67 16.80
CB2 PMG C . 0.07 -1.68 17.55
CB1 PMG C . -0.02 0.09 15.70
CG PMG C . -0.27 1.57 15.43
CD PMG C . -1.60 1.77 14.76
OE1 PMG C . -1.71 1.41 13.57
OE2 PMG C . -2.52 2.29 15.46
C PMG C . -1.52 0.24 17.88
O PMG C . -0.84 1.12 18.45
OXT PMG C . -2.74 0.03 18.13
N1 PMG D . 0.81 5.74 -14.59
C2 PMG D . 1.27 5.31 -15.90
C2A PMG D . 0.89 6.35 -16.94
C3 PMG D . 1.99 3.98 -15.95
O3 PMG D . 2.38 3.65 -17.21
C4 PMG D . 2.22 3.16 -14.75
C4A PMG D . 2.96 1.80 -14.80
C5 PMG D . 1.67 3.77 -13.48
C6 PMG D . 0.99 5.03 -13.39
C5A PMG D . 1.79 3.13 -12.12
OP4 PMG D . 3.05 2.71 -11.77
P PMG D . 3.44 1.99 -10.39
OP1 PMG D . 4.43 2.77 -9.67
OP2 PMG D . 3.86 0.63 -10.85
OP3 PMG D . 2.16 1.87 -9.53
N PMG D . 2.74 1.07 -16.19
CA PMG D . 3.28 -0.19 -16.67
CB2 PMG D . 4.77 0.07 -17.03
CB1 PMG D . 3.17 -1.27 -15.53
CG PMG D . 2.02 -2.27 -15.55
CD PMG D . 0.76 -1.65 -15.02
OE1 PMG D . -0.22 -1.62 -15.81
OE2 PMG D . 0.75 -1.20 -13.84
C PMG D . 2.54 -0.56 -18.00
O PMG D . 2.79 -1.65 -18.54
OXT PMG D . 1.74 0.29 -18.46
#